data_3DP2
#
_entry.id   3DP2
#
_cell.length_a   73.970
_cell.length_b   100.323
_cell.length_c   186.417
_cell.angle_alpha   90.000
_cell.angle_beta   90.000
_cell.angle_gamma   90.000
#
_symmetry.space_group_name_H-M   'P 21 21 21'
#
loop_
_entity.id
_entity.type
_entity.pdbx_description
1 polymer '(3R)-hydroxymyristoyl-acyl carrier protein dehydratase'
2 non-polymer 'CHLORIDE ION'
3 non-polymer BENZAMIDINE
4 non-polymer "4-bromo-N'-[(1E)-(3,5-dibromo-2,4-dihydroxyphenyl)methylidene]benzohydrazide"
5 water water
#
_entity_poly.entity_id   1
_entity_poly.type   'polypeptide(L)'
_entity_poly.pdbx_seq_one_letter_code
;MEQSHQNLQSQFFIEHILQILPHRYPMLLVDRITELQANQKIVAYKNITFNEDVFNGHFPNKPIFPGVLIVEGMAQSGGF
LAFTSLWGFDPEIAKTKIVYFMTIDKVKFRIPVTPGDRLEYHLEVLKHKGMIWQVGGTAQVDGKVVAEAELKAMIAERE
;
_entity_poly.pdbx_strand_id   A,B,C,D,E,F
#
# COMPACT_ATOMS: atom_id res chain seq x y z
N LEU A 8 25.97 16.39 -21.92
CA LEU A 8 25.12 15.24 -21.47
C LEU A 8 26.03 14.19 -20.83
N GLN A 9 25.75 13.86 -19.57
CA GLN A 9 26.54 12.88 -18.84
C GLN A 9 26.18 11.44 -19.26
N SER A 10 26.90 10.47 -18.70
CA SER A 10 26.64 9.05 -19.01
C SER A 10 26.09 8.32 -17.79
N GLN A 11 26.20 8.95 -16.62
CA GLN A 11 25.66 8.37 -15.39
C GLN A 11 24.63 9.30 -14.77
N PHE A 12 23.49 8.73 -14.39
CA PHE A 12 22.41 9.48 -13.76
C PHE A 12 21.86 8.67 -12.61
N PHE A 13 21.58 9.33 -11.50
CA PHE A 13 21.03 8.64 -10.35
C PHE A 13 19.54 8.92 -10.24
N ILE A 14 18.89 8.29 -9.28
CA ILE A 14 17.45 8.44 -9.11
C ILE A 14 16.94 9.87 -9.07
N GLU A 15 17.70 10.78 -8.48
CA GLU A 15 17.24 12.17 -8.43
C GLU A 15 17.10 12.76 -9.83
N HIS A 16 17.97 12.35 -10.76
CA HIS A 16 17.92 12.86 -12.14
C HIS A 16 16.79 12.19 -12.91
N ILE A 17 16.64 10.88 -12.71
CA ILE A 17 15.59 10.10 -13.37
C ILE A 17 14.22 10.69 -13.02
N LEU A 18 14.08 11.15 -11.78
CA LEU A 18 12.84 11.72 -11.30
C LEU A 18 12.48 13.02 -12.02
N GLN A 19 13.51 13.77 -12.42
CA GLN A 19 13.31 15.03 -13.11
C GLN A 19 13.00 14.87 -14.60
N ILE A 20 13.32 13.70 -15.15
CA ILE A 20 13.09 13.42 -16.56
C ILE A 20 11.83 12.58 -16.81
N LEU A 21 11.67 11.49 -16.06
CA LEU A 21 10.50 10.64 -16.24
C LEU A 21 9.30 11.10 -15.41
N PRO A 22 8.10 10.99 -15.99
CA PRO A 22 6.89 11.40 -15.28
C PRO A 22 6.42 10.30 -14.32
N HIS A 23 6.94 9.09 -14.53
CA HIS A 23 6.60 7.93 -13.71
C HIS A 23 6.91 8.11 -12.22
N ARG A 24 6.02 7.60 -11.38
CA ARG A 24 6.19 7.66 -9.93
C ARG A 24 5.74 6.34 -9.32
N TYR A 25 5.93 6.16 -8.01
CA TYR A 25 5.55 4.94 -7.33
C TYR A 25 4.07 4.65 -7.57
N PRO A 26 3.70 3.39 -7.86
CA PRO A 26 4.57 2.22 -7.96
C PRO A 26 4.89 1.81 -9.41
N MET A 27 5.13 2.80 -10.27
CA MET A 27 5.43 2.53 -11.67
C MET A 27 6.74 3.11 -12.22
N LEU A 28 7.58 3.66 -11.35
CA LEU A 28 8.87 4.16 -11.81
C LEU A 28 9.78 2.95 -11.60
N LEU A 29 10.16 2.30 -12.69
CA LEU A 29 10.95 1.09 -12.60
C LEU A 29 12.41 1.16 -13.03
N VAL A 30 13.02 2.30 -12.85
CA VAL A 30 14.44 2.47 -13.18
C VAL A 30 15.11 3.23 -12.03
N ASP A 31 16.12 2.63 -11.43
CA ASP A 31 16.82 3.24 -10.29
C ASP A 31 18.09 4.01 -10.62
N ARG A 32 18.79 3.59 -11.65
CA ARG A 32 20.04 4.25 -12.00
C ARG A 32 20.44 3.98 -13.45
N ILE A 33 21.16 4.92 -14.04
CA ILE A 33 21.62 4.82 -15.42
C ILE A 33 23.13 4.86 -15.39
N THR A 34 23.76 3.79 -15.86
CA THR A 34 25.22 3.68 -15.85
C THR A 34 25.90 4.06 -17.17
N GLU A 35 25.22 3.86 -18.28
CA GLU A 35 25.76 4.20 -19.60
C GLU A 35 24.70 4.90 -20.41
N LEU A 36 25.09 5.97 -21.07
CA LEU A 36 24.18 6.74 -21.90
C LEU A 36 24.99 7.33 -23.04
N GLN A 37 24.53 7.07 -24.27
CA GLN A 37 25.16 7.58 -25.48
C GLN A 37 24.04 8.06 -26.38
N ALA A 38 23.94 9.39 -26.54
CA ALA A 38 22.92 10.02 -27.37
C ALA A 38 22.68 9.33 -28.72
N ASN A 39 21.39 9.09 -29.01
CA ASN A 39 20.96 8.46 -30.25
C ASN A 39 21.47 7.04 -30.49
N GLN A 40 22.16 6.46 -29.52
CA GLN A 40 22.69 5.12 -29.70
C GLN A 40 22.25 4.09 -28.68
N LYS A 41 22.54 4.32 -27.41
CA LYS A 41 22.16 3.35 -26.41
C LYS A 41 22.16 3.84 -24.98
N ILE A 42 21.66 2.98 -24.11
CA ILE A 42 21.59 3.25 -22.69
C ILE A 42 21.69 1.94 -21.92
N VAL A 43 22.25 2.03 -20.73
CA VAL A 43 22.38 0.89 -19.85
C VAL A 43 21.96 1.42 -18.50
N ALA A 44 20.91 0.83 -17.94
CA ALA A 44 20.39 1.24 -16.65
C ALA A 44 19.91 -0.01 -15.93
N TYR A 45 19.52 0.16 -14.66
CA TYR A 45 19.04 -0.98 -13.91
C TYR A 45 18.05 -0.63 -12.82
N LYS A 46 17.38 -1.65 -12.32
CA LYS A 46 16.42 -1.51 -11.25
C LYS A 46 16.69 -2.65 -10.28
N ASN A 47 16.92 -2.31 -9.02
CA ASN A 47 17.15 -3.34 -8.02
C ASN A 47 15.82 -4.01 -7.73
N ILE A 48 15.87 -5.32 -7.53
CA ILE A 48 14.68 -6.07 -7.22
C ILE A 48 14.79 -6.53 -5.78
N THR A 49 13.83 -6.13 -4.96
CA THR A 49 13.81 -6.49 -3.55
C THR A 49 12.45 -7.10 -3.17
N PHE A 50 12.43 -7.94 -2.15
CA PHE A 50 11.18 -8.57 -1.73
C PHE A 50 10.23 -7.50 -1.18
N ASN A 51 10.82 -6.38 -0.74
CA ASN A 51 10.07 -5.27 -0.16
C ASN A 51 9.31 -4.43 -1.20
N GLU A 52 8.70 -5.10 -2.18
CA GLU A 52 7.93 -4.40 -3.20
C GLU A 52 6.53 -4.96 -3.24
N ASP A 53 5.54 -4.07 -3.19
CA ASP A 53 4.14 -4.47 -3.17
C ASP A 53 3.77 -5.51 -4.23
N VAL A 54 4.38 -5.42 -5.41
CA VAL A 54 4.06 -6.36 -6.48
C VAL A 54 4.19 -7.83 -6.09
N PHE A 55 5.15 -8.13 -5.21
CA PHE A 55 5.36 -9.50 -4.80
C PHE A 55 4.29 -10.07 -3.86
N ASN A 56 3.43 -9.22 -3.33
CA ASN A 56 2.36 -9.72 -2.46
C ASN A 56 1.45 -10.61 -3.29
N GLY A 57 1.32 -10.30 -4.57
CA GLY A 57 0.45 -11.08 -5.44
C GLY A 57 1.09 -11.77 -6.63
N HIS A 58 2.42 -11.78 -6.70
CA HIS A 58 3.08 -12.41 -7.84
C HIS A 58 4.42 -13.04 -7.46
N PHE A 59 4.39 -14.16 -6.75
CA PHE A 59 3.17 -14.83 -6.29
C PHE A 59 3.33 -15.13 -4.80
N PRO A 60 2.23 -15.51 -4.12
CA PRO A 60 2.34 -15.80 -2.70
C PRO A 60 3.31 -16.98 -2.52
N ASN A 61 4.27 -16.83 -1.60
CA ASN A 61 5.27 -17.86 -1.34
C ASN A 61 6.18 -18.12 -2.55
N LYS A 62 6.02 -17.36 -3.61
CA LYS A 62 6.90 -17.52 -4.78
C LYS A 62 7.14 -16.23 -5.55
N PRO A 63 7.92 -15.31 -4.95
CA PRO A 63 8.23 -14.01 -5.57
C PRO A 63 8.93 -14.05 -6.95
N ILE A 64 8.20 -13.62 -7.97
CA ILE A 64 8.71 -13.56 -9.34
C ILE A 64 8.38 -12.17 -9.89
N PHE A 65 9.38 -11.44 -10.35
CA PHE A 65 9.13 -10.10 -10.88
C PHE A 65 8.42 -10.20 -12.24
N PRO A 66 7.19 -9.67 -12.33
CA PRO A 66 6.38 -9.70 -13.56
C PRO A 66 7.14 -9.37 -14.85
N GLY A 67 7.12 -10.31 -15.78
CA GLY A 67 7.78 -10.11 -17.05
C GLY A 67 7.35 -8.83 -17.75
N VAL A 68 6.06 -8.51 -17.69
CA VAL A 68 5.56 -7.30 -18.32
C VAL A 68 6.19 -6.07 -17.69
N LEU A 69 6.53 -6.15 -16.40
CA LEU A 69 7.15 -5.01 -15.74
C LEU A 69 8.61 -4.90 -16.18
N ILE A 70 9.21 -6.03 -16.55
CA ILE A 70 10.60 -6.02 -17.04
C ILE A 70 10.57 -5.18 -18.31
N VAL A 71 9.58 -5.46 -19.15
CA VAL A 71 9.41 -4.75 -20.42
C VAL A 71 9.19 -3.27 -20.16
N GLU A 72 8.32 -2.97 -19.20
CA GLU A 72 8.01 -1.59 -18.84
C GLU A 72 9.29 -0.85 -18.46
N GLY A 73 10.16 -1.53 -17.71
CA GLY A 73 11.41 -0.95 -17.30
C GLY A 73 12.33 -0.64 -18.48
N MET A 74 12.34 -1.53 -19.47
CA MET A 74 13.16 -1.34 -20.65
C MET A 74 12.67 -0.12 -21.43
N ALA A 75 11.35 0.01 -21.56
CA ALA A 75 10.75 1.13 -22.27
C ALA A 75 11.05 2.47 -21.60
N GLN A 76 10.98 2.49 -20.27
CA GLN A 76 11.27 3.71 -19.52
C GLN A 76 12.72 4.08 -19.82
N SER A 77 13.59 3.07 -19.86
CA SER A 77 14.99 3.30 -20.17
C SER A 77 15.07 3.91 -21.57
N GLY A 78 14.41 3.27 -22.52
CA GLY A 78 14.39 3.77 -23.87
C GLY A 78 13.85 5.19 -23.91
N GLY A 79 12.79 5.44 -23.16
CA GLY A 79 12.19 6.75 -23.13
C GLY A 79 13.14 7.84 -22.65
N PHE A 80 13.89 7.53 -21.60
CA PHE A 80 14.86 8.47 -21.06
C PHE A 80 15.88 8.77 -22.16
N LEU A 81 16.38 7.71 -22.79
CA LEU A 81 17.35 7.81 -23.86
C LEU A 81 16.84 8.70 -24.97
N ALA A 82 15.60 8.45 -25.40
CA ALA A 82 14.98 9.21 -26.46
C ALA A 82 14.93 10.70 -26.11
N PHE A 83 14.34 11.01 -24.96
CA PHE A 83 14.22 12.39 -24.54
C PHE A 83 15.55 13.11 -24.43
N THR A 84 16.47 12.56 -23.66
CA THR A 84 17.75 13.20 -23.48
C THR A 84 18.55 13.29 -24.79
N SER A 85 18.34 12.35 -25.70
CA SER A 85 19.05 12.39 -26.97
C SER A 85 18.65 13.66 -27.71
N LEU A 86 17.39 14.05 -27.54
CA LEU A 86 16.85 15.23 -28.21
C LEU A 86 17.00 16.55 -27.46
N TRP A 87 16.78 16.56 -26.15
CA TRP A 87 16.85 17.81 -25.38
C TRP A 87 17.95 17.86 -24.34
N GLY A 88 18.67 16.76 -24.15
CA GLY A 88 19.70 16.73 -23.13
C GLY A 88 19.00 16.73 -21.78
N PHE A 89 19.75 16.92 -20.70
CA PHE A 89 19.12 16.93 -19.37
C PHE A 89 18.37 18.23 -19.17
N ASP A 90 17.12 18.26 -19.62
CA ASP A 90 16.29 19.45 -19.51
C ASP A 90 14.99 19.13 -18.78
N PRO A 91 14.97 19.33 -17.46
CA PRO A 91 13.79 19.07 -16.62
C PRO A 91 12.54 19.88 -16.98
N GLU A 92 12.73 21.18 -17.27
CA GLU A 92 11.60 22.04 -17.61
C GLU A 92 10.82 21.50 -18.80
N ILE A 93 11.52 21.08 -19.84
CA ILE A 93 10.86 20.53 -21.02
C ILE A 93 10.35 19.10 -20.74
N ALA A 94 11.16 18.32 -20.04
CA ALA A 94 10.78 16.95 -19.70
C ALA A 94 9.39 16.96 -19.09
N LYS A 95 9.15 17.98 -18.27
CA LYS A 95 7.88 18.16 -17.59
C LYS A 95 6.70 18.45 -18.49
N THR A 96 6.97 18.68 -19.79
CA THR A 96 5.91 18.97 -20.76
C THR A 96 5.76 17.86 -21.80
N LYS A 97 6.67 16.90 -21.76
CA LYS A 97 6.63 15.79 -22.71
C LYS A 97 6.29 14.50 -21.99
N ILE A 98 5.85 13.51 -22.76
CA ILE A 98 5.50 12.22 -22.20
C ILE A 98 5.72 11.17 -23.29
N VAL A 99 6.34 10.05 -22.92
CA VAL A 99 6.60 8.98 -23.89
C VAL A 99 5.51 7.92 -23.83
N TYR A 100 4.99 7.53 -24.99
CA TYR A 100 3.94 6.52 -25.07
C TYR A 100 4.35 5.33 -25.90
N PHE A 101 3.87 4.17 -25.46
CA PHE A 101 4.09 2.89 -26.11
C PHE A 101 3.24 2.82 -27.37
N MET A 102 3.85 2.52 -28.51
CA MET A 102 3.08 2.37 -29.73
C MET A 102 2.99 0.86 -30.01
N THR A 103 4.16 0.22 -30.01
CA THR A 103 4.22 -1.20 -30.26
C THR A 103 5.30 -1.89 -29.42
N ILE A 104 5.16 -3.21 -29.30
CA ILE A 104 6.09 -4.05 -28.57
C ILE A 104 6.14 -5.36 -29.36
N ASP A 105 7.34 -5.83 -29.67
CA ASP A 105 7.50 -7.06 -30.43
C ASP A 105 8.67 -7.90 -29.99
N LYS A 106 8.68 -9.14 -30.46
CA LYS A 106 9.75 -10.07 -30.18
C LYS A 106 10.18 -10.09 -28.72
N VAL A 107 9.19 -10.17 -27.84
CA VAL A 107 9.45 -10.23 -26.41
C VAL A 107 9.67 -11.70 -26.06
N LYS A 108 10.77 -11.96 -25.36
CA LYS A 108 11.05 -13.33 -24.96
C LYS A 108 11.58 -13.33 -23.53
N PHE A 109 10.98 -14.17 -22.68
CA PHE A 109 11.39 -14.29 -21.29
C PHE A 109 12.21 -15.58 -21.14
N ARG A 110 13.48 -15.44 -20.81
CA ARG A 110 14.35 -16.61 -20.68
C ARG A 110 14.61 -17.07 -19.26
N ILE A 111 14.75 -16.13 -18.33
CA ILE A 111 15.03 -16.46 -16.94
C ILE A 111 14.18 -15.62 -15.99
N PRO A 112 13.58 -16.26 -14.98
CA PRO A 112 12.76 -15.49 -14.04
C PRO A 112 13.60 -14.58 -13.15
N VAL A 113 13.08 -13.39 -12.91
CA VAL A 113 13.74 -12.38 -12.08
C VAL A 113 13.17 -12.47 -10.66
N THR A 114 14.06 -12.50 -9.66
CA THR A 114 13.64 -12.62 -8.26
C THR A 114 14.33 -11.64 -7.31
N PRO A 115 13.80 -11.50 -6.08
CA PRO A 115 14.39 -10.62 -5.09
C PRO A 115 15.89 -10.88 -4.95
N GLY A 116 16.67 -9.82 -4.86
CA GLY A 116 18.11 -9.95 -4.74
C GLY A 116 18.78 -9.69 -6.07
N ASP A 117 18.01 -9.78 -7.14
CA ASP A 117 18.51 -9.55 -8.50
C ASP A 117 18.69 -8.08 -8.83
N ARG A 118 19.64 -7.81 -9.72
CA ARG A 118 19.91 -6.47 -10.21
C ARG A 118 19.49 -6.58 -11.68
N LEU A 119 18.30 -6.04 -11.99
CA LEU A 119 17.77 -6.09 -13.36
C LEU A 119 18.36 -4.98 -14.23
N GLU A 120 19.35 -5.37 -15.03
CA GLU A 120 20.05 -4.45 -15.92
C GLU A 120 19.41 -4.33 -17.30
N TYR A 121 19.04 -3.10 -17.68
CA TYR A 121 18.41 -2.85 -18.98
C TYR A 121 19.44 -2.42 -20.01
N HIS A 122 19.41 -3.08 -21.16
CA HIS A 122 20.33 -2.77 -22.25
C HIS A 122 19.50 -2.45 -23.48
N LEU A 123 19.30 -1.18 -23.75
CA LEU A 123 18.53 -0.77 -24.92
C LEU A 123 19.41 -0.05 -25.93
N GLU A 124 19.07 -0.21 -27.19
CA GLU A 124 19.81 0.42 -28.26
C GLU A 124 18.83 0.96 -29.29
N VAL A 125 19.19 2.09 -29.90
CA VAL A 125 18.35 2.73 -30.91
C VAL A 125 18.44 2.07 -32.29
N LEU A 126 17.32 1.49 -32.72
CA LEU A 126 17.26 0.81 -34.00
C LEU A 126 16.87 1.79 -35.10
N LYS A 127 16.07 2.80 -34.75
CA LYS A 127 15.62 3.81 -35.71
C LYS A 127 14.97 4.99 -35.00
N HIS A 128 15.26 6.20 -35.46
CA HIS A 128 14.65 7.36 -34.84
C HIS A 128 14.48 8.53 -35.81
N LYS A 129 13.29 9.12 -35.79
CA LYS A 129 13.00 10.27 -36.64
C LYS A 129 12.00 11.15 -35.90
N GLY A 130 12.47 12.28 -35.40
CA GLY A 130 11.59 13.17 -34.68
C GLY A 130 11.19 12.59 -33.34
N MET A 131 9.90 12.55 -33.08
CA MET A 131 9.39 12.03 -31.83
C MET A 131 9.19 10.51 -31.83
N ILE A 132 9.40 9.88 -32.99
CA ILE A 132 9.23 8.43 -33.12
C ILE A 132 10.54 7.68 -32.92
N TRP A 133 10.57 6.84 -31.88
CA TRP A 133 11.77 6.08 -31.56
C TRP A 133 11.59 4.57 -31.44
N GLN A 134 12.46 3.84 -32.14
CA GLN A 134 12.46 2.39 -32.12
C GLN A 134 13.69 1.90 -31.39
N VAL A 135 13.47 1.17 -30.30
CA VAL A 135 14.59 0.65 -29.52
C VAL A 135 14.42 -0.85 -29.34
N GLY A 136 15.53 -1.51 -29.02
CA GLY A 136 15.48 -2.92 -28.81
C GLY A 136 16.64 -3.26 -27.91
N GLY A 137 16.51 -4.36 -27.19
CA GLY A 137 17.58 -4.75 -26.29
C GLY A 137 17.23 -5.93 -25.42
N THR A 138 17.87 -5.99 -24.28
CA THR A 138 17.67 -7.09 -23.36
C THR A 138 17.68 -6.60 -21.92
N ALA A 139 17.24 -7.47 -21.03
CA ALA A 139 17.24 -7.22 -19.60
C ALA A 139 18.23 -8.28 -19.14
N GLN A 140 19.20 -7.89 -18.33
CA GLN A 140 20.21 -8.83 -17.88
C GLN A 140 20.41 -8.90 -16.36
N VAL A 141 20.79 -10.08 -15.89
CA VAL A 141 21.06 -10.30 -14.47
C VAL A 141 22.37 -11.07 -14.41
N ASP A 142 23.36 -10.47 -13.76
CA ASP A 142 24.68 -11.08 -13.64
C ASP A 142 25.20 -11.52 -15.01
N GLY A 143 25.06 -10.65 -16.01
CA GLY A 143 25.55 -10.96 -17.34
C GLY A 143 24.72 -11.91 -18.21
N LYS A 144 23.66 -12.49 -17.65
CA LYS A 144 22.81 -13.39 -18.44
C LYS A 144 21.52 -12.72 -18.92
N VAL A 145 21.14 -13.00 -20.15
CA VAL A 145 19.92 -12.42 -20.73
C VAL A 145 18.67 -13.07 -20.12
N VAL A 146 17.93 -12.31 -19.32
CA VAL A 146 16.73 -12.85 -18.70
C VAL A 146 15.51 -12.53 -19.56
N ALA A 147 15.67 -11.55 -20.44
CA ALA A 147 14.59 -11.17 -21.34
C ALA A 147 15.11 -10.29 -22.49
N GLU A 148 14.31 -10.23 -23.55
CA GLU A 148 14.62 -9.42 -24.73
C GLU A 148 13.34 -8.85 -25.30
N ALA A 149 13.43 -7.70 -25.95
CA ALA A 149 12.25 -7.08 -26.52
C ALA A 149 12.58 -5.93 -27.44
N GLU A 150 11.58 -5.54 -28.22
CA GLU A 150 11.69 -4.43 -29.16
C GLU A 150 10.43 -3.60 -29.02
N LEU A 151 10.58 -2.28 -28.98
CA LEU A 151 9.43 -1.41 -28.86
C LEU A 151 9.63 -0.14 -29.67
N LYS A 152 8.50 0.47 -30.02
CA LYS A 152 8.50 1.72 -30.76
C LYS A 152 7.74 2.68 -29.85
N ALA A 153 8.37 3.80 -29.52
CA ALA A 153 7.75 4.77 -28.65
C ALA A 153 7.48 6.07 -29.36
N MET A 154 6.62 6.88 -28.74
CA MET A 154 6.22 8.17 -29.26
C MET A 154 6.48 9.20 -28.18
N ILE A 155 7.11 10.30 -28.54
CA ILE A 155 7.35 11.38 -27.59
C ILE A 155 6.23 12.35 -27.86
N ALA A 156 5.22 12.35 -27.00
CA ALA A 156 4.07 13.22 -27.19
C ALA A 156 3.98 14.34 -26.17
N GLU A 157 3.00 15.22 -26.41
CA GLU A 157 2.73 16.34 -25.53
C GLU A 157 1.97 15.85 -24.31
N ARG A 158 2.20 16.49 -23.17
CA ARG A 158 1.52 16.11 -21.95
C ARG A 158 0.13 16.74 -21.86
N GLU A 159 0.03 18.01 -22.24
CA GLU A 159 -1.23 18.76 -22.16
C GLU A 159 -1.79 18.76 -20.75
N SER B 10 -19.94 -21.05 -18.17
CA SER B 10 -18.96 -20.23 -18.87
C SER B 10 -19.11 -18.74 -18.55
N GLN B 11 -19.88 -18.42 -17.51
CA GLN B 11 -19.58 -17.27 -16.68
C GLN B 11 -18.72 -17.80 -15.55
N PHE B 12 -17.65 -17.09 -15.22
CA PHE B 12 -16.93 -17.25 -13.97
C PHE B 12 -16.78 -15.92 -13.26
N PHE B 13 -16.93 -15.91 -11.94
CA PHE B 13 -16.82 -14.67 -11.20
C PHE B 13 -15.49 -14.65 -10.46
N ILE B 14 -15.18 -13.55 -9.80
CA ILE B 14 -13.92 -13.44 -9.07
C ILE B 14 -13.59 -14.65 -8.20
N GLU B 15 -14.57 -15.18 -7.46
CA GLU B 15 -14.31 -16.33 -6.59
C GLU B 15 -13.79 -17.53 -7.37
N HIS B 16 -14.37 -17.77 -8.55
CA HIS B 16 -13.94 -18.88 -9.39
C HIS B 16 -12.54 -18.61 -9.90
N ILE B 17 -12.31 -17.38 -10.33
CA ILE B 17 -11.02 -16.97 -10.86
C ILE B 17 -9.92 -17.18 -9.81
N LEU B 18 -10.22 -16.82 -8.57
CA LEU B 18 -9.26 -16.96 -7.47
C LEU B 18 -8.83 -18.42 -7.24
N GLN B 19 -9.68 -19.36 -7.63
CA GLN B 19 -9.38 -20.77 -7.47
C GLN B 19 -8.55 -21.36 -8.62
N ILE B 20 -8.45 -20.61 -9.72
CA ILE B 20 -7.71 -21.09 -10.87
C ILE B 20 -6.35 -20.41 -11.01
N LEU B 21 -6.35 -19.08 -11.04
CA LEU B 21 -5.12 -18.31 -11.16
C LEU B 21 -4.41 -18.14 -9.82
N PRO B 22 -3.08 -18.25 -9.80
CA PRO B 22 -2.27 -18.10 -8.59
C PRO B 22 -2.05 -16.63 -8.26
N HIS B 23 -2.39 -15.77 -9.21
CA HIS B 23 -2.22 -14.32 -9.05
C HIS B 23 -3.11 -13.74 -7.96
N ARG B 24 -2.55 -12.86 -7.17
CA ARG B 24 -3.29 -12.19 -6.11
C ARG B 24 -3.01 -10.70 -6.22
N TYR B 25 -3.58 -9.92 -5.31
CA TYR B 25 -3.38 -8.47 -5.30
C TYR B 25 -1.91 -8.15 -5.06
N PRO B 26 -1.36 -7.15 -5.75
CA PRO B 26 -2.07 -6.31 -6.73
C PRO B 26 -1.75 -6.70 -8.16
N MET B 27 -1.73 -8.01 -8.44
CA MET B 27 -1.43 -8.50 -9.76
C MET B 27 -2.46 -9.45 -10.39
N LEU B 28 -3.65 -9.52 -9.83
CA LEU B 28 -4.71 -10.34 -10.42
C LEU B 28 -5.51 -9.33 -11.22
N LEU B 29 -5.32 -9.35 -12.54
CA LEU B 29 -5.97 -8.39 -13.40
C LEU B 29 -7.15 -8.84 -14.25
N VAL B 30 -7.97 -9.74 -13.68
CA VAL B 30 -9.17 -10.23 -14.37
C VAL B 30 -10.28 -10.32 -13.33
N ASP B 31 -11.37 -9.59 -13.55
CA ASP B 31 -12.47 -9.60 -12.60
C ASP B 31 -13.58 -10.60 -12.90
N ARG B 32 -13.90 -10.78 -14.17
CA ARG B 32 -14.97 -11.70 -14.54
C ARG B 32 -14.76 -12.28 -15.94
N ILE B 33 -15.26 -13.49 -16.13
CA ILE B 33 -15.17 -14.16 -17.43
C ILE B 33 -16.59 -14.31 -17.97
N THR B 34 -16.88 -13.64 -19.07
CA THR B 34 -18.21 -13.67 -19.66
C THR B 34 -18.44 -14.71 -20.74
N GLU B 35 -17.36 -15.23 -21.32
CA GLU B 35 -17.52 -16.21 -22.39
C GLU B 35 -16.33 -17.16 -22.42
N LEU B 36 -16.60 -18.46 -22.61
CA LEU B 36 -15.52 -19.44 -22.66
C LEU B 36 -15.84 -20.68 -23.51
N GLN B 37 -15.05 -20.88 -24.56
CA GLN B 37 -15.22 -22.04 -25.44
C GLN B 37 -13.89 -22.79 -25.42
N ALA B 38 -13.90 -24.02 -24.91
CA ALA B 38 -12.70 -24.83 -24.82
C ALA B 38 -11.92 -24.95 -26.12
N ASN B 39 -10.61 -24.72 -26.04
CA ASN B 39 -9.71 -24.80 -27.19
C ASN B 39 -10.00 -23.79 -28.28
N GLN B 40 -10.95 -22.89 -28.03
CA GLN B 40 -11.29 -21.86 -29.00
C GLN B 40 -11.11 -20.42 -28.54
N LYS B 41 -11.94 -19.97 -27.61
CA LYS B 41 -11.80 -18.60 -27.16
C LYS B 41 -12.36 -18.26 -25.80
N ILE B 42 -12.04 -17.05 -25.35
CA ILE B 42 -12.49 -16.55 -24.07
C ILE B 42 -12.70 -15.05 -24.17
N VAL B 43 -13.64 -14.54 -23.38
CA VAL B 43 -13.91 -13.13 -23.32
C VAL B 43 -14.04 -12.85 -21.83
N ALA B 44 -13.25 -11.92 -21.34
CA ALA B 44 -13.27 -11.56 -19.93
C ALA B 44 -13.01 -10.07 -19.80
N TYR B 45 -13.11 -9.57 -18.58
CA TYR B 45 -12.85 -8.16 -18.37
C TYR B 45 -12.37 -7.79 -16.97
N LYS B 46 -11.80 -6.60 -16.88
CA LYS B 46 -11.32 -6.03 -15.65
C LYS B 46 -11.83 -4.61 -15.65
N ASN B 47 -12.47 -4.21 -14.56
CA ASN B 47 -12.97 -2.84 -14.46
C ASN B 47 -11.80 -1.94 -14.05
N ILE B 48 -11.77 -0.74 -14.62
CA ILE B 48 -10.73 0.22 -14.31
C ILE B 48 -11.33 1.35 -13.48
N THR B 49 -10.83 1.50 -12.26
CA THR B 49 -11.30 2.52 -11.35
C THR B 49 -10.12 3.36 -10.88
N PHE B 50 -10.39 4.59 -10.45
CA PHE B 50 -9.33 5.45 -9.97
C PHE B 50 -8.72 4.87 -8.69
N ASN B 51 -9.54 4.12 -7.95
CA ASN B 51 -9.14 3.51 -6.69
C ASN B 51 -8.12 2.38 -6.80
N GLU B 52 -7.19 2.49 -7.74
CA GLU B 52 -6.17 1.46 -7.89
C GLU B 52 -4.81 2.10 -7.63
N ASP B 53 -4.02 1.45 -6.80
CA ASP B 53 -2.71 1.97 -6.44
C ASP B 53 -1.84 2.38 -7.64
N VAL B 54 -1.94 1.66 -8.76
CA VAL B 54 -1.16 1.99 -9.96
C VAL B 54 -1.27 3.44 -10.40
N PHE B 55 -2.43 4.03 -10.17
CA PHE B 55 -2.67 5.39 -10.61
C PHE B 55 -1.92 6.45 -9.82
N ASN B 56 -1.40 6.08 -8.66
CA ASN B 56 -0.64 7.04 -7.88
C ASN B 56 0.60 7.43 -8.69
N GLY B 57 1.09 6.53 -9.53
CA GLY B 57 2.28 6.85 -10.31
C GLY B 57 2.21 6.72 -11.82
N HIS B 58 1.03 6.44 -12.37
CA HIS B 58 0.94 6.29 -13.82
C HIS B 58 -0.34 6.92 -14.38
N PHE B 59 -0.43 8.24 -14.38
CA PHE B 59 0.62 9.11 -13.86
C PHE B 59 -0.04 10.12 -12.93
N PRO B 60 0.74 10.77 -12.06
CA PRO B 60 0.10 11.75 -11.16
C PRO B 60 -0.61 12.84 -11.97
N ASN B 61 -1.82 13.17 -11.57
CA ASN B 61 -2.62 14.19 -12.25
C ASN B 61 -3.09 13.74 -13.65
N LYS B 62 -2.80 12.49 -14.01
CA LYS B 62 -3.22 11.97 -15.32
C LYS B 62 -3.24 10.44 -15.33
N PRO B 63 -4.31 9.84 -14.79
CA PRO B 63 -4.50 8.38 -14.71
C PRO B 63 -4.65 7.62 -16.02
N ILE B 64 -3.68 6.75 -16.29
CA ILE B 64 -3.68 5.93 -17.49
C ILE B 64 -3.27 4.51 -17.12
N PHE B 65 -4.15 3.55 -17.38
CA PHE B 65 -3.86 2.16 -17.07
C PHE B 65 -2.68 1.73 -17.94
N PRO B 66 -1.61 1.22 -17.32
CA PRO B 66 -0.41 0.78 -18.05
C PRO B 66 -0.64 -0.20 -19.18
N GLY B 67 -0.09 0.11 -20.36
CA GLY B 67 -0.22 -0.76 -21.51
C GLY B 67 0.28 -2.17 -21.23
N VAL B 68 1.37 -2.28 -20.47
CA VAL B 68 1.92 -3.58 -20.15
C VAL B 68 0.95 -4.36 -19.27
N LEU B 69 0.17 -3.65 -18.46
CA LEU B 69 -0.80 -4.31 -17.61
C LEU B 69 -2.01 -4.77 -18.40
N ILE B 70 -2.23 -4.15 -19.56
CA ILE B 70 -3.34 -4.57 -20.41
C ILE B 70 -2.93 -5.92 -20.99
N VAL B 71 -1.67 -6.01 -21.39
CA VAL B 71 -1.11 -7.23 -21.95
C VAL B 71 -1.10 -8.34 -20.91
N GLU B 72 -0.82 -7.97 -19.66
CA GLU B 72 -0.78 -8.93 -18.56
C GLU B 72 -2.18 -9.52 -18.35
N GLY B 73 -3.19 -8.67 -18.47
CA GLY B 73 -4.56 -9.10 -18.30
C GLY B 73 -4.99 -10.02 -19.43
N MET B 74 -4.43 -9.79 -20.62
CA MET B 74 -4.76 -10.61 -21.77
C MET B 74 -4.11 -11.96 -21.56
N ALA B 75 -2.92 -11.93 -20.96
CA ALA B 75 -2.17 -13.15 -20.68
C ALA B 75 -2.91 -14.02 -19.67
N GLN B 76 -3.35 -13.40 -18.58
CA GLN B 76 -4.07 -14.11 -17.54
C GLN B 76 -5.33 -14.75 -18.10
N SER B 77 -6.02 -14.02 -18.99
CA SER B 77 -7.23 -14.54 -19.59
C SER B 77 -6.88 -15.74 -20.46
N GLY B 78 -5.79 -15.61 -21.22
CA GLY B 78 -5.34 -16.68 -22.09
C GLY B 78 -4.93 -17.91 -21.32
N GLY B 79 -4.23 -17.70 -20.21
CA GLY B 79 -3.79 -18.80 -19.39
C GLY B 79 -4.99 -19.52 -18.79
N PHE B 80 -6.02 -18.75 -18.48
CA PHE B 80 -7.24 -19.31 -17.90
C PHE B 80 -7.92 -20.16 -18.96
N LEU B 81 -7.90 -19.66 -20.19
CA LEU B 81 -8.49 -20.36 -21.32
C LEU B 81 -7.75 -21.68 -21.53
N ALA B 82 -6.42 -21.61 -21.61
CA ALA B 82 -5.62 -22.81 -21.82
C ALA B 82 -5.81 -23.83 -20.69
N PHE B 83 -5.78 -23.36 -19.45
CA PHE B 83 -5.94 -24.28 -18.34
C PHE B 83 -7.30 -24.99 -18.31
N THR B 84 -8.38 -24.21 -18.30
CA THR B 84 -9.71 -24.80 -18.24
C THR B 84 -10.03 -25.67 -19.45
N SER B 85 -9.45 -25.35 -20.60
CA SER B 85 -9.68 -26.13 -21.81
C SER B 85 -9.28 -27.58 -21.58
N LEU B 86 -8.13 -27.77 -20.94
CA LEU B 86 -7.57 -29.08 -20.67
C LEU B 86 -8.11 -29.78 -19.44
N TRP B 87 -8.31 -29.02 -18.36
CA TRP B 87 -8.77 -29.59 -17.09
C TRP B 87 -10.10 -29.05 -16.56
N GLY B 88 -10.70 -28.10 -17.28
CA GLY B 88 -11.97 -27.54 -16.82
C GLY B 88 -11.81 -26.78 -15.51
N PHE B 89 -12.91 -26.59 -14.79
CA PHE B 89 -12.83 -25.87 -13.52
C PHE B 89 -12.36 -26.82 -12.42
N ASP B 90 -11.04 -26.95 -12.29
CA ASP B 90 -10.47 -27.84 -11.29
C ASP B 90 -9.47 -27.13 -10.37
N PRO B 91 -9.93 -26.68 -9.20
CA PRO B 91 -9.05 -25.99 -8.24
C PRO B 91 -7.88 -26.85 -7.78
N GLU B 92 -8.15 -28.12 -7.48
CA GLU B 92 -7.12 -29.05 -7.02
C GLU B 92 -5.98 -29.20 -8.01
N ILE B 93 -6.29 -29.42 -9.27
CA ILE B 93 -5.26 -29.55 -10.30
C ILE B 93 -4.59 -28.21 -10.54
N ALA B 94 -5.36 -27.13 -10.43
CA ALA B 94 -4.83 -25.79 -10.65
C ALA B 94 -3.60 -25.52 -9.78
N LYS B 95 -3.62 -26.07 -8.57
CA LYS B 95 -2.50 -25.87 -7.65
C LYS B 95 -1.23 -26.63 -8.03
N THR B 96 -1.37 -27.63 -8.90
CA THR B 96 -0.22 -28.42 -9.32
C THR B 96 0.36 -28.00 -10.67
N LYS B 97 -0.24 -26.97 -11.26
CA LYS B 97 0.21 -26.47 -12.55
C LYS B 97 0.45 -24.97 -12.56
N ILE B 98 1.35 -24.52 -13.43
CA ILE B 98 1.61 -23.11 -13.56
C ILE B 98 1.73 -22.75 -15.04
N VAL B 99 1.10 -21.64 -15.40
CA VAL B 99 1.13 -21.16 -16.77
C VAL B 99 1.95 -19.88 -16.82
N TYR B 100 3.17 -19.97 -17.34
CA TYR B 100 4.00 -18.77 -17.45
C TYR B 100 4.19 -18.47 -18.94
N PHE B 101 4.38 -17.20 -19.27
CA PHE B 101 4.55 -16.82 -20.67
C PHE B 101 5.97 -16.78 -21.19
N MET B 102 6.15 -17.34 -22.38
CA MET B 102 7.44 -17.43 -23.03
C MET B 102 7.72 -16.24 -23.94
N THR B 103 6.73 -15.90 -24.76
CA THR B 103 6.88 -14.81 -25.70
C THR B 103 5.61 -13.99 -25.77
N ILE B 104 5.74 -12.81 -26.35
CA ILE B 104 4.66 -11.86 -26.58
C ILE B 104 5.07 -11.16 -27.86
N ASP B 105 4.15 -11.01 -28.79
CA ASP B 105 4.49 -10.36 -30.06
C ASP B 105 3.29 -9.60 -30.64
N LYS B 106 3.54 -8.85 -31.70
CA LYS B 106 2.50 -8.07 -32.38
C LYS B 106 1.65 -7.24 -31.43
N VAL B 107 2.28 -6.58 -30.46
CA VAL B 107 1.52 -5.77 -29.52
C VAL B 107 1.39 -4.35 -30.07
N LYS B 108 0.18 -3.83 -30.05
CA LYS B 108 -0.10 -2.49 -30.52
C LYS B 108 -1.09 -1.81 -29.60
N PHE B 109 -0.79 -0.58 -29.21
CA PHE B 109 -1.68 0.18 -28.35
C PHE B 109 -2.31 1.27 -29.20
N ARG B 110 -3.64 1.33 -29.21
CA ARG B 110 -4.33 2.31 -30.02
C ARG B 110 -5.04 3.37 -29.21
N ILE B 111 -5.68 2.96 -28.12
CA ILE B 111 -6.41 3.90 -27.29
C ILE B 111 -6.05 3.75 -25.82
N PRO B 112 -5.83 4.88 -25.13
CA PRO B 112 -5.48 4.86 -23.70
C PRO B 112 -6.69 4.45 -22.84
N VAL B 113 -6.45 3.56 -21.87
CA VAL B 113 -7.49 3.08 -20.97
C VAL B 113 -7.45 3.90 -19.68
N THR B 114 -8.60 4.36 -19.21
CA THR B 114 -8.64 5.17 -18.00
C THR B 114 -9.76 4.78 -17.04
N PRO B 115 -9.72 5.33 -15.80
CA PRO B 115 -10.75 5.03 -14.80
C PRO B 115 -12.15 5.23 -15.39
N GLY B 116 -13.01 4.23 -15.21
CA GLY B 116 -14.36 4.29 -15.74
C GLY B 116 -14.55 3.30 -16.87
N ASP B 117 -13.42 2.83 -17.43
CA ASP B 117 -13.45 1.87 -18.52
C ASP B 117 -13.59 0.44 -18.06
N ARG B 118 -14.31 -0.35 -18.85
CA ARG B 118 -14.46 -1.77 -18.60
C ARG B 118 -13.52 -2.39 -19.63
N LEU B 119 -12.34 -2.83 -19.19
CA LEU B 119 -11.35 -3.43 -20.09
C LEU B 119 -11.67 -4.89 -20.41
N GLU B 120 -12.22 -5.10 -21.60
CA GLU B 120 -12.61 -6.42 -22.07
C GLU B 120 -11.50 -7.13 -22.83
N TYR B 121 -11.22 -8.39 -22.48
CA TYR B 121 -10.18 -9.16 -23.14
C TYR B 121 -10.77 -10.19 -24.10
N HIS B 122 -10.30 -10.18 -25.33
CA HIS B 122 -10.77 -11.12 -26.36
C HIS B 122 -9.60 -11.94 -26.90
N LEU B 123 -9.45 -13.15 -26.39
CA LEU B 123 -8.37 -14.04 -26.81
C LEU B 123 -8.92 -15.31 -27.45
N GLU B 124 -8.23 -15.77 -28.48
CA GLU B 124 -8.61 -16.98 -29.18
C GLU B 124 -7.35 -17.84 -29.27
N VAL B 125 -7.52 -19.14 -29.39
CA VAL B 125 -6.38 -20.04 -29.51
C VAL B 125 -5.87 -20.03 -30.96
N LEU B 126 -4.68 -19.49 -31.17
CA LEU B 126 -4.11 -19.46 -32.52
C LEU B 126 -3.67 -20.88 -32.86
N LYS B 127 -3.10 -21.56 -31.87
CA LYS B 127 -2.65 -22.94 -32.04
C LYS B 127 -2.11 -23.46 -30.72
N HIS B 128 -2.09 -24.79 -30.58
CA HIS B 128 -1.58 -25.41 -29.38
C HIS B 128 -1.05 -26.80 -29.71
N LYS B 129 0.01 -27.18 -29.01
CA LYS B 129 0.63 -28.49 -29.21
C LYS B 129 1.18 -28.88 -27.85
N GLY B 130 0.61 -29.93 -27.26
CA GLY B 130 1.07 -30.36 -25.96
C GLY B 130 0.78 -29.26 -24.96
N MET B 131 1.79 -28.89 -24.17
CA MET B 131 1.61 -27.85 -23.16
C MET B 131 1.96 -26.45 -23.67
N ILE B 132 2.19 -26.33 -24.97
CA ILE B 132 2.51 -25.03 -25.54
C ILE B 132 1.28 -24.49 -26.27
N TRP B 133 0.77 -23.38 -25.78
CA TRP B 133 -0.40 -22.74 -26.35
C TRP B 133 -0.13 -21.32 -26.79
N GLN B 134 -0.64 -20.98 -27.97
CA GLN B 134 -0.47 -19.64 -28.52
C GLN B 134 -1.83 -18.98 -28.67
N VAL B 135 -2.03 -17.90 -27.94
CA VAL B 135 -3.29 -17.19 -28.00
C VAL B 135 -3.07 -15.80 -28.57
N GLY B 136 -4.14 -15.20 -29.07
CA GLY B 136 -4.04 -13.87 -29.64
C GLY B 136 -5.40 -13.20 -29.62
N GLY B 137 -5.41 -11.88 -29.73
CA GLY B 137 -6.67 -11.18 -29.71
C GLY B 137 -6.52 -9.70 -29.45
N THR B 138 -7.52 -9.13 -28.81
CA THR B 138 -7.51 -7.71 -28.51
C THR B 138 -8.06 -7.37 -27.14
N ALA B 139 -7.89 -6.11 -26.76
CA ALA B 139 -8.40 -5.59 -25.51
C ALA B 139 -9.40 -4.54 -26.02
N GLN B 140 -10.62 -4.56 -25.51
CA GLN B 140 -11.64 -3.64 -25.97
C GLN B 140 -12.35 -2.87 -24.88
N VAL B 141 -12.74 -1.64 -25.23
CA VAL B 141 -13.48 -0.78 -24.33
C VAL B 141 -14.61 -0.21 -25.17
N ASP B 142 -15.85 -0.47 -24.73
CA ASP B 142 -17.03 0.01 -25.45
C ASP B 142 -17.02 -0.38 -26.93
N GLY B 143 -16.62 -1.61 -27.22
CA GLY B 143 -16.60 -2.09 -28.59
C GLY B 143 -15.43 -1.71 -29.48
N LYS B 144 -14.54 -0.84 -29.01
CA LYS B 144 -13.38 -0.43 -29.82
C LYS B 144 -12.12 -1.17 -29.39
N VAL B 145 -11.23 -1.39 -30.34
CA VAL B 145 -9.97 -2.07 -30.06
C VAL B 145 -9.01 -1.05 -29.46
N VAL B 146 -8.60 -1.26 -28.22
CA VAL B 146 -7.66 -0.36 -27.56
C VAL B 146 -6.26 -0.95 -27.60
N ALA B 147 -6.18 -2.25 -27.81
CA ALA B 147 -4.89 -2.93 -27.88
C ALA B 147 -5.03 -4.29 -28.53
N GLU B 148 -3.92 -4.84 -28.99
CA GLU B 148 -3.91 -6.16 -29.59
C GLU B 148 -2.56 -6.80 -29.31
N ALA B 149 -2.52 -8.12 -29.27
CA ALA B 149 -1.28 -8.80 -28.97
C ALA B 149 -1.38 -10.32 -29.15
N GLU B 150 -0.23 -10.95 -29.28
CA GLU B 150 -0.14 -12.38 -29.41
C GLU B 150 0.80 -12.87 -28.34
N LEU B 151 0.42 -13.94 -27.67
CA LEU B 151 1.23 -14.48 -26.59
C LEU B 151 1.34 -15.99 -26.69
N LYS B 152 2.47 -16.52 -26.23
CA LYS B 152 2.69 -17.96 -26.24
C LYS B 152 2.97 -18.37 -24.80
N ALA B 153 2.21 -19.34 -24.32
CA ALA B 153 2.37 -19.78 -22.95
C ALA B 153 2.72 -21.25 -22.89
N MET B 154 3.25 -21.66 -21.75
CA MET B 154 3.59 -23.05 -21.54
C MET B 154 3.07 -23.50 -20.19
N ILE B 155 2.31 -24.58 -20.19
CA ILE B 155 1.73 -25.12 -18.97
C ILE B 155 2.70 -26.14 -18.40
N ALA B 156 3.12 -25.93 -17.16
CA ALA B 156 4.07 -26.82 -16.52
C ALA B 156 3.65 -27.22 -15.11
N GLU B 157 4.35 -28.21 -14.56
CA GLU B 157 4.09 -28.67 -13.21
C GLU B 157 4.62 -27.65 -12.22
N ARG B 158 3.83 -27.33 -11.21
CA ARG B 158 4.25 -26.39 -10.18
C ARG B 158 5.39 -27.14 -9.49
N GLU B 159 6.35 -26.40 -8.92
CA GLU B 159 7.51 -26.99 -8.26
C GLU B 159 8.55 -27.45 -9.29
N GLN C 9 4.41 27.98 21.06
CA GLN C 9 3.27 27.25 21.69
C GLN C 9 3.81 26.07 22.49
N SER C 10 2.91 25.25 23.03
CA SER C 10 3.29 24.08 23.80
C SER C 10 2.61 22.83 23.21
N GLN C 11 1.51 23.04 22.49
CA GLN C 11 0.78 21.91 21.88
C GLN C 11 0.58 22.05 20.38
N PHE C 12 1.14 21.10 19.63
CA PHE C 12 1.01 21.13 18.17
C PHE C 12 0.34 19.86 17.69
N PHE C 13 -0.64 20.02 16.81
CA PHE C 13 -1.35 18.88 16.27
C PHE C 13 -0.73 18.43 14.96
N ILE C 14 -1.28 17.37 14.41
CA ILE C 14 -0.77 16.82 13.16
C ILE C 14 -0.60 17.89 12.08
N GLU C 15 -1.52 18.85 12.04
CA GLU C 15 -1.45 19.92 11.05
C GLU C 15 -0.13 20.67 11.15
N HIS C 16 0.27 21.00 12.38
CA HIS C 16 1.51 21.73 12.61
C HIS C 16 2.75 20.87 12.41
N ILE C 17 2.70 19.62 12.86
CA ILE C 17 3.83 18.72 12.72
C ILE C 17 4.20 18.57 11.26
N LEU C 18 3.17 18.50 10.41
CA LEU C 18 3.38 18.35 8.97
C LEU C 18 4.13 19.52 8.35
N GLN C 19 3.94 20.72 8.89
CA GLN C 19 4.62 21.89 8.36
C GLN C 19 6.05 22.03 8.85
N ILE C 20 6.45 21.20 9.83
CA ILE C 20 7.82 21.29 10.34
C ILE C 20 8.70 20.10 9.93
N LEU C 21 8.19 18.89 10.10
CA LEU C 21 8.94 17.71 9.72
C LEU C 21 8.71 17.41 8.24
N PRO C 22 9.78 16.98 7.53
CA PRO C 22 9.65 16.66 6.11
C PRO C 22 9.01 15.28 5.94
N HIS C 23 9.09 14.46 6.99
CA HIS C 23 8.54 13.11 6.98
C HIS C 23 7.07 13.03 6.58
N ARG C 24 6.75 12.04 5.76
CA ARG C 24 5.39 11.80 5.29
C ARG C 24 5.07 10.31 5.39
N TYR C 25 3.85 9.94 5.07
CA TYR C 25 3.45 8.54 5.13
C TYR C 25 4.33 7.73 4.17
N PRO C 26 4.77 6.53 4.59
CA PRO C 26 4.54 5.87 5.87
C PRO C 26 5.67 6.04 6.90
N MET C 27 6.25 7.23 6.98
CA MET C 27 7.34 7.44 7.92
C MET C 27 7.20 8.62 8.89
N LEU C 28 6.01 9.19 8.98
CA LEU C 28 5.79 10.28 9.93
C LEU C 28 5.20 9.56 11.15
N LEU C 29 6.04 9.36 12.17
CA LEU C 29 5.65 8.63 13.37
C LEU C 29 5.39 9.44 14.63
N VAL C 30 4.80 10.62 14.45
CA VAL C 30 4.47 11.49 15.58
C VAL C 30 3.12 12.14 15.23
N ASP C 31 2.11 11.86 16.04
CA ASP C 31 0.77 12.38 15.79
C ASP C 31 0.42 13.68 16.47
N ARG C 32 1.02 13.94 17.62
CA ARG C 32 0.70 15.15 18.35
C ARG C 32 1.77 15.45 19.39
N ILE C 33 1.92 16.73 19.71
CA ILE C 33 2.90 17.16 20.69
C ILE C 33 2.17 17.82 21.84
N THR C 34 2.33 17.25 23.03
CA THR C 34 1.65 17.74 24.22
C THR C 34 2.49 18.67 25.10
N GLU C 35 3.82 18.56 25.00
CA GLU C 35 4.70 19.40 25.78
C GLU C 35 5.96 19.80 25.04
N LEU C 36 6.29 21.08 25.10
CA LEU C 36 7.50 21.58 24.45
C LEU C 36 8.10 22.73 25.22
N GLN C 37 9.36 22.55 25.61
CA GLN C 37 10.12 23.58 26.33
C GLN C 37 11.42 23.78 25.57
N ALA C 38 11.51 24.89 24.86
CA ALA C 38 12.69 25.21 24.07
C ALA C 38 14.00 24.88 24.78
N ASN C 39 14.88 24.19 24.08
CA ASN C 39 16.20 23.79 24.57
C ASN C 39 16.21 22.83 25.75
N GLN C 40 15.05 22.33 26.15
CA GLN C 40 15.02 21.43 27.29
C GLN C 40 14.40 20.06 27.04
N LYS C 41 13.08 20.01 26.85
CA LYS C 41 12.42 18.73 26.65
C LYS C 41 11.15 18.78 25.79
N ILE C 42 10.77 17.60 25.29
CA ILE C 42 9.59 17.47 24.47
C ILE C 42 8.84 16.20 24.83
N VAL C 43 7.52 16.30 24.91
CA VAL C 43 6.68 15.15 25.21
C VAL C 43 5.67 15.10 24.08
N ALA C 44 5.67 14.01 23.34
CA ALA C 44 4.76 13.85 22.22
C ALA C 44 4.35 12.40 22.16
N TYR C 45 3.54 12.05 21.17
CA TYR C 45 3.11 10.68 21.03
C TYR C 45 2.54 10.30 19.68
N LYS C 46 2.47 9.00 19.47
CA LYS C 46 1.93 8.44 18.24
C LYS C 46 1.02 7.31 18.66
N ASN C 47 -0.21 7.32 18.17
CA ASN C 47 -1.13 6.22 18.48
C ASN C 47 -0.68 5.00 17.69
N ILE C 48 -1.00 3.82 18.22
CA ILE C 48 -0.66 2.56 17.57
C ILE C 48 -1.97 1.84 17.30
N THR C 49 -2.27 1.66 16.02
CA THR C 49 -3.50 0.99 15.61
C THR C 49 -3.16 -0.18 14.70
N PHE C 50 -4.03 -1.18 14.66
CA PHE C 50 -3.77 -2.33 13.80
C PHE C 50 -3.81 -1.91 12.33
N ASN C 51 -4.61 -0.88 12.04
CA ASN C 51 -4.77 -0.37 10.69
C ASN C 51 -3.53 0.31 10.10
N GLU C 52 -2.35 -0.22 10.40
CA GLU C 52 -1.10 0.34 9.89
C GLU C 52 -0.43 -0.75 9.05
N ASP C 53 0.07 -0.38 7.88
CA ASP C 53 0.70 -1.35 6.98
C ASP C 53 1.82 -2.19 7.59
N VAL C 54 2.65 -1.60 8.47
CA VAL C 54 3.73 -2.34 9.11
C VAL C 54 3.30 -3.66 9.72
N PHE C 55 2.09 -3.67 10.27
CA PHE C 55 1.58 -4.86 10.93
C PHE C 55 1.27 -6.02 9.98
N ASN C 56 1.26 -5.76 8.68
CA ASN C 56 1.02 -6.85 7.74
C ASN C 56 2.20 -7.81 7.80
N GLY C 57 3.39 -7.29 8.12
CA GLY C 57 4.55 -8.15 8.19
C GLY C 57 5.33 -8.19 9.49
N HIS C 58 4.82 -7.57 10.55
CA HIS C 58 5.53 -7.57 11.82
C HIS C 58 4.59 -7.68 13.03
N PHE C 59 4.05 -8.86 13.29
CA PHE C 59 4.27 -10.08 12.51
C PHE C 59 2.90 -10.67 12.21
N PRO C 60 2.82 -11.58 11.23
CA PRO C 60 1.51 -12.18 10.92
C PRO C 60 0.92 -12.82 12.19
N ASN C 61 -0.33 -12.49 12.51
CA ASN C 61 -1.01 -13.00 13.69
C ASN C 61 -0.41 -12.53 15.02
N LYS C 62 0.57 -11.65 14.94
CA LYS C 62 1.21 -11.14 16.15
C LYS C 62 1.70 -9.71 15.90
N PRO C 63 0.78 -8.74 15.91
CA PRO C 63 1.13 -7.33 15.69
C PRO C 63 2.00 -6.74 16.79
N ILE C 64 3.26 -6.50 16.45
CA ILE C 64 4.24 -5.93 17.38
C ILE C 64 4.86 -4.71 16.71
N PHE C 65 4.60 -3.53 17.25
CA PHE C 65 5.17 -2.32 16.65
C PHE C 65 6.70 -2.46 16.70
N PRO C 66 7.36 -2.35 15.55
CA PRO C 66 8.82 -2.46 15.45
C PRO C 66 9.63 -1.57 16.38
N GLY C 67 10.56 -2.18 17.11
CA GLY C 67 11.41 -1.45 18.03
C GLY C 67 12.19 -0.34 17.35
N VAL C 68 12.63 -0.56 16.11
CA VAL C 68 13.39 0.47 15.42
C VAL C 68 12.51 1.67 15.08
N LEU C 69 11.21 1.43 14.95
CA LEU C 69 10.30 2.53 14.62
C LEU C 69 9.97 3.36 15.86
N ILE C 70 10.13 2.76 17.04
CA ILE C 70 9.89 3.50 18.28
C ILE C 70 11.03 4.50 18.37
N VAL C 71 12.23 4.04 18.04
CA VAL C 71 13.42 4.87 18.07
C VAL C 71 13.29 5.99 17.04
N GLU C 72 12.69 5.68 15.90
CA GLU C 72 12.51 6.67 14.85
C GLU C 72 11.56 7.76 15.31
N GLY C 73 10.52 7.36 16.05
CA GLY C 73 9.56 8.31 16.57
C GLY C 73 10.23 9.25 17.55
N MET C 74 11.06 8.66 18.43
CA MET C 74 11.79 9.45 19.41
C MET C 74 12.69 10.42 18.66
N ALA C 75 13.37 9.91 17.64
CA ALA C 75 14.27 10.73 16.83
C ALA C 75 13.49 11.89 16.23
N GLN C 76 12.31 11.60 15.71
CA GLN C 76 11.49 12.64 15.11
C GLN C 76 11.09 13.66 16.16
N SER C 77 10.86 13.20 17.38
CA SER C 77 10.49 14.11 18.46
C SER C 77 11.68 15.01 18.79
N GLY C 78 12.87 14.43 18.81
CA GLY C 78 14.06 15.22 19.10
C GLY C 78 14.23 16.28 18.03
N GLY C 79 14.06 15.87 16.77
CA GLY C 79 14.21 16.80 15.67
C GLY C 79 13.24 17.97 15.70
N PHE C 80 12.02 17.72 16.16
CA PHE C 80 11.05 18.80 16.25
C PHE C 80 11.49 19.75 17.36
N LEU C 81 11.93 19.19 18.47
CA LEU C 81 12.39 19.97 19.60
C LEU C 81 13.57 20.84 19.18
N ALA C 82 14.59 20.20 18.59
CA ALA C 82 15.77 20.94 18.15
C ALA C 82 15.34 22.06 17.21
N PHE C 83 14.65 21.73 16.13
CA PHE C 83 14.21 22.74 15.19
C PHE C 83 13.43 23.88 15.84
N THR C 84 12.36 23.54 16.55
CA THR C 84 11.55 24.57 17.19
C THR C 84 12.38 25.38 18.18
N SER C 85 13.40 24.77 18.75
CA SER C 85 14.27 25.49 19.69
C SER C 85 15.03 26.60 18.96
N LEU C 86 15.46 26.30 17.75
CA LEU C 86 16.21 27.27 16.96
C LEU C 86 15.39 28.37 16.28
N TRP C 87 14.24 28.01 15.71
CA TRP C 87 13.43 28.99 14.99
C TRP C 87 11.95 29.04 15.36
N GLY C 88 11.54 28.24 16.33
CA GLY C 88 10.13 28.25 16.71
C GLY C 88 9.28 27.65 15.62
N PHE C 89 7.97 27.93 15.61
CA PHE C 89 7.10 27.39 14.59
C PHE C 89 7.20 28.20 13.31
N ASP C 90 8.15 27.81 12.46
CA ASP C 90 8.38 28.53 11.20
C ASP C 90 8.42 27.54 10.02
N PRO C 91 7.25 27.29 9.41
CA PRO C 91 7.12 26.37 8.26
C PRO C 91 8.03 26.72 7.10
N GLU C 92 8.16 28.02 6.82
CA GLU C 92 8.99 28.49 5.71
C GLU C 92 10.46 28.12 5.90
N ILE C 93 10.99 28.37 7.10
CA ILE C 93 12.38 28.03 7.41
C ILE C 93 12.56 26.51 7.50
N ALA C 94 11.54 25.82 8.00
CA ALA C 94 11.62 24.37 8.12
C ALA C 94 11.95 23.72 6.79
N LYS C 95 11.40 24.28 5.71
CA LYS C 95 11.61 23.77 4.35
C LYS C 95 13.06 23.83 3.91
N THR C 96 13.85 24.68 4.53
CA THR C 96 15.27 24.84 4.15
C THR C 96 16.26 24.14 5.10
N LYS C 97 15.74 23.34 6.02
CA LYS C 97 16.59 22.64 6.99
C LYS C 97 16.43 21.12 6.94
N ILE C 98 17.40 20.42 7.51
CA ILE C 98 17.37 18.97 7.61
C ILE C 98 18.11 18.59 8.88
N VAL C 99 17.66 17.54 9.52
CA VAL C 99 18.30 17.09 10.74
C VAL C 99 18.84 15.69 10.49
N TYR C 100 20.14 15.59 10.24
CA TYR C 100 20.78 14.29 9.99
C TYR C 100 20.99 13.61 11.33
N PHE C 101 20.52 12.39 11.50
CA PHE C 101 20.80 11.72 12.75
C PHE C 101 22.07 10.94 12.55
N MET C 102 23.08 11.29 13.33
CA MET C 102 24.41 10.66 13.23
C MET C 102 24.59 9.38 14.02
N THR C 103 24.08 9.34 15.25
CA THR C 103 24.22 8.14 16.07
C THR C 103 23.01 7.82 16.93
N ILE C 104 23.02 6.61 17.46
CA ILE C 104 21.98 6.08 18.33
C ILE C 104 22.71 5.20 19.34
N ASP C 105 22.38 5.35 20.62
CA ASP C 105 23.04 4.57 21.66
C ASP C 105 22.16 4.25 22.84
N LYS C 106 22.63 3.33 23.67
CA LYS C 106 21.95 2.92 24.88
C LYS C 106 20.46 2.69 24.71
N VAL C 107 20.07 1.98 23.65
CA VAL C 107 18.65 1.73 23.48
C VAL C 107 18.32 0.36 24.06
N LYS C 108 17.24 0.31 24.83
CA LYS C 108 16.80 -0.91 25.45
C LYS C 108 15.28 -0.99 25.35
N PHE C 109 14.76 -2.16 25.02
CA PHE C 109 13.32 -2.32 24.91
C PHE C 109 12.87 -3.19 26.08
N ARG C 110 11.96 -2.66 26.88
CA ARG C 110 11.47 -3.37 28.06
C ARG C 110 10.11 -4.04 27.87
N ILE C 111 9.21 -3.37 27.15
CA ILE C 111 7.87 -3.90 26.92
C ILE C 111 7.42 -3.75 25.47
N PRO C 112 6.93 -4.82 24.84
CA PRO C 112 6.48 -4.72 23.45
C PRO C 112 5.35 -3.70 23.33
N VAL C 113 5.26 -3.07 22.16
CA VAL C 113 4.22 -2.08 21.87
C VAL C 113 3.27 -2.72 20.89
N THR C 114 1.96 -2.57 21.11
CA THR C 114 0.97 -3.20 20.24
C THR C 114 -0.23 -2.31 19.92
N PRO C 115 -1.06 -2.72 18.95
CA PRO C 115 -2.24 -1.93 18.58
C PRO C 115 -3.07 -1.59 19.81
N GLY C 116 -3.43 -0.32 19.95
CA GLY C 116 -4.21 0.09 21.11
C GLY C 116 -3.35 0.90 22.06
N ASP C 117 -2.05 0.84 21.88
CA ASP C 117 -1.13 1.59 22.73
C ASP C 117 -0.93 3.02 22.28
N ARG C 118 -0.77 3.91 23.26
CA ARG C 118 -0.51 5.33 23.03
C ARG C 118 0.99 5.48 23.31
N LEU C 119 1.81 5.40 22.26
CA LEU C 119 3.25 5.51 22.42
C LEU C 119 3.67 6.96 22.65
N GLU C 120 4.05 7.26 23.90
CA GLU C 120 4.44 8.61 24.29
C GLU C 120 5.94 8.79 24.35
N TYR C 121 6.45 9.74 23.56
CA TYR C 121 7.88 10.00 23.53
C TYR C 121 8.29 11.05 24.54
N HIS C 122 9.34 10.76 25.30
CA HIS C 122 9.86 11.67 26.31
C HIS C 122 11.34 11.90 26.02
N LEU C 123 11.67 13.05 25.46
CA LEU C 123 13.06 13.35 25.15
C LEU C 123 13.51 14.69 25.71
N GLU C 124 14.81 14.77 26.00
CA GLU C 124 15.39 15.99 26.55
C GLU C 124 16.76 16.23 25.91
N VAL C 125 17.18 17.49 25.89
CA VAL C 125 18.47 17.84 25.31
C VAL C 125 19.55 17.46 26.30
N LEU C 126 20.48 16.60 25.86
CA LEU C 126 21.57 16.15 26.72
C LEU C 126 22.78 17.03 26.51
N LYS C 127 22.88 17.60 25.32
CA LYS C 127 24.01 18.44 24.97
C LYS C 127 23.71 19.11 23.63
N HIS C 128 24.13 20.37 23.49
CA HIS C 128 23.94 21.11 22.25
C HIS C 128 25.15 21.99 22.02
N LYS C 129 25.95 21.62 21.03
CA LYS C 129 27.14 22.38 20.67
C LYS C 129 27.11 22.63 19.18
N GLY C 130 26.94 23.88 18.79
CA GLY C 130 26.90 24.21 17.38
C GLY C 130 25.70 23.59 16.70
N MET C 131 25.95 22.90 15.60
CA MET C 131 24.89 22.25 14.83
C MET C 131 24.60 20.85 15.36
N ILE C 132 25.35 20.42 16.38
CA ILE C 132 25.17 19.09 16.95
C ILE C 132 24.27 19.07 18.18
N TRP C 133 23.21 18.26 18.11
CA TRP C 133 22.28 18.13 19.23
C TRP C 133 22.25 16.68 19.74
N GLN C 134 22.49 16.49 21.03
CA GLN C 134 22.42 15.15 21.59
C GLN C 134 21.17 15.06 22.44
N VAL C 135 20.31 14.14 22.06
CA VAL C 135 19.03 13.97 22.70
C VAL C 135 18.90 12.59 23.35
N GLY C 136 18.13 12.52 24.44
CA GLY C 136 17.95 11.24 25.11
C GLY C 136 16.64 11.22 25.86
N GLY C 137 16.14 10.01 26.12
CA GLY C 137 14.89 9.89 26.84
C GLY C 137 14.28 8.52 26.79
N THR C 138 12.96 8.48 26.88
CA THR C 138 12.25 7.21 26.88
C THR C 138 10.97 7.25 26.06
N ALA C 139 10.42 6.06 25.85
CA ALA C 139 9.18 5.89 25.14
C ALA C 139 8.30 5.26 26.21
N GLN C 140 7.12 5.82 26.43
CA GLN C 140 6.24 5.28 27.46
C GLN C 140 4.85 4.91 26.98
N VAL C 141 4.22 3.99 27.70
CA VAL C 141 2.87 3.55 27.41
C VAL C 141 2.19 3.43 28.77
N ASP C 142 1.14 4.23 28.97
CA ASP C 142 0.40 4.22 30.23
C ASP C 142 1.30 4.36 31.46
N GLY C 143 2.21 5.33 31.43
CA GLY C 143 3.10 5.57 32.56
C GLY C 143 4.32 4.65 32.69
N LYS C 144 4.35 3.55 31.96
CA LYS C 144 5.49 2.64 32.06
C LYS C 144 6.53 2.80 30.96
N VAL C 145 7.81 2.77 31.34
CA VAL C 145 8.87 2.92 30.35
C VAL C 145 8.88 1.69 29.45
N VAL C 146 8.68 1.91 28.16
CA VAL C 146 8.66 0.83 27.19
C VAL C 146 9.99 0.71 26.45
N ALA C 147 10.72 1.82 26.35
CA ALA C 147 12.02 1.83 25.69
C ALA C 147 12.79 3.09 26.07
N GLU C 148 14.10 3.08 25.83
CA GLU C 148 14.94 4.23 26.13
C GLU C 148 16.04 4.30 25.09
N ALA C 149 16.57 5.49 24.81
CA ALA C 149 17.63 5.64 23.83
C ALA C 149 18.23 7.03 23.82
N GLU C 150 19.44 7.13 23.28
CA GLU C 150 20.12 8.40 23.15
C GLU C 150 20.34 8.58 21.67
N LEU C 151 20.23 9.81 21.19
CA LEU C 151 20.42 10.08 19.78
C LEU C 151 21.17 11.38 19.59
N LYS C 152 21.99 11.44 18.53
CA LYS C 152 22.74 12.64 18.23
C LYS C 152 22.49 12.99 16.78
N ALA C 153 22.11 14.24 16.53
CA ALA C 153 21.81 14.70 15.20
C ALA C 153 22.55 16.00 14.88
N MET C 154 22.61 16.32 13.60
CA MET C 154 23.24 17.54 13.13
C MET C 154 22.26 18.35 12.31
N ILE C 155 22.21 19.66 12.58
CA ILE C 155 21.32 20.52 11.83
C ILE C 155 22.13 20.97 10.62
N ALA C 156 21.50 21.00 9.46
CA ALA C 156 22.19 21.40 8.25
C ALA C 156 21.22 22.09 7.30
N GLU C 157 21.78 22.71 6.28
CA GLU C 157 20.97 23.41 5.29
C GLU C 157 20.46 22.37 4.30
N ARG C 158 19.16 22.34 4.08
CA ARG C 158 18.59 21.37 3.15
C ARG C 158 19.20 21.63 1.77
N GLU C 159 19.04 20.68 0.86
CA GLU C 159 19.61 20.84 -0.47
C GLU C 159 18.70 20.31 -1.58
N LEU D 8 24.15 -27.83 6.69
CA LEU D 8 23.79 -26.38 6.57
C LEU D 8 24.66 -25.73 5.49
N GLN D 9 24.01 -25.17 4.47
CA GLN D 9 24.73 -24.53 3.37
C GLN D 9 25.18 -23.11 3.73
N SER D 10 25.55 -22.33 2.71
CA SER D 10 26.02 -20.96 2.94
C SER D 10 25.30 -19.92 2.07
N GLN D 11 24.57 -20.36 1.06
CA GLN D 11 23.82 -19.44 0.19
C GLN D 11 22.34 -19.78 0.32
N PHE D 12 21.55 -18.78 0.71
CA PHE D 12 20.11 -18.95 0.86
C PHE D 12 19.42 -17.83 0.11
N PHE D 13 18.42 -18.18 -0.68
CA PHE D 13 17.70 -17.19 -1.44
C PHE D 13 16.41 -16.82 -0.71
N ILE D 14 15.69 -15.86 -1.27
CA ILE D 14 14.46 -15.38 -0.64
C ILE D 14 13.49 -16.51 -0.26
N GLU D 15 13.43 -17.57 -1.06
CA GLU D 15 12.53 -18.67 -0.73
C GLU D 15 12.92 -19.33 0.59
N HIS D 16 14.22 -19.36 0.87
CA HIS D 16 14.70 -19.96 2.10
C HIS D 16 14.50 -19.01 3.28
N ILE D 17 14.75 -17.73 3.05
CA ILE D 17 14.60 -16.71 4.09
C ILE D 17 13.14 -16.64 4.57
N LEU D 18 12.22 -16.84 3.63
CA LEU D 18 10.79 -16.82 3.89
C LEU D 18 10.38 -17.96 4.81
N GLN D 19 11.10 -19.07 4.74
CA GLN D 19 10.78 -20.23 5.56
C GLN D 19 11.42 -20.19 6.95
N ILE D 20 12.39 -19.30 7.12
CA ILE D 20 13.09 -19.15 8.39
C ILE D 20 12.64 -17.93 9.20
N LEU D 21 12.74 -16.75 8.60
CA LEU D 21 12.33 -15.52 9.29
C LEU D 21 10.83 -15.35 9.27
N PRO D 22 10.25 -14.86 10.38
CA PRO D 22 8.80 -14.65 10.47
C PRO D 22 8.36 -13.32 9.84
N HIS D 23 9.33 -12.50 9.49
CA HIS D 23 9.05 -11.20 8.89
C HIS D 23 8.41 -11.30 7.52
N ARG D 24 7.43 -10.45 7.29
CA ARG D 24 6.75 -10.39 6.00
C ARG D 24 6.67 -8.93 5.56
N TYR D 25 6.16 -8.72 4.35
CA TYR D 25 6.02 -7.38 3.80
C TYR D 25 5.14 -6.55 4.74
N PRO D 26 5.51 -5.28 4.98
CA PRO D 26 6.66 -4.59 4.43
C PRO D 26 7.81 -4.50 5.45
N MET D 27 8.11 -5.61 6.12
CA MET D 27 9.17 -5.60 7.11
C MET D 27 10.23 -6.68 6.98
N LEU D 28 10.23 -7.40 5.87
CA LEU D 28 11.25 -8.42 5.65
C LEU D 28 12.29 -7.65 4.83
N LEU D 29 13.37 -7.23 5.48
CA LEU D 29 14.38 -6.43 4.81
C LEU D 29 15.71 -7.10 4.51
N VAL D 30 15.63 -8.37 4.13
CA VAL D 30 16.80 -9.16 3.77
C VAL D 30 16.40 -9.99 2.56
N ASP D 31 17.10 -9.81 1.45
CA ASP D 31 16.75 -10.54 0.23
C ASP D 31 17.54 -11.80 -0.04
N ARG D 32 18.81 -11.81 0.34
CA ARG D 32 19.64 -12.98 0.05
C ARG D 32 20.79 -13.12 1.05
N ILE D 33 21.14 -14.36 1.36
CA ILE D 33 22.24 -14.66 2.28
C ILE D 33 23.40 -15.14 1.41
N THR D 34 24.56 -14.49 1.52
CA THR D 34 25.69 -14.89 0.69
C THR D 34 26.76 -15.72 1.39
N GLU D 35 26.96 -15.46 2.68
CA GLU D 35 27.96 -16.18 3.45
C GLU D 35 27.40 -16.47 4.84
N LEU D 36 27.56 -17.71 5.31
CA LEU D 36 27.06 -18.06 6.63
C LEU D 36 27.95 -19.07 7.36
N GLN D 37 28.41 -18.66 8.55
CA GLN D 37 29.24 -19.51 9.40
C GLN D 37 28.50 -19.67 10.73
N ALA D 38 27.98 -20.85 10.97
CA ALA D 38 27.21 -21.13 12.19
C ALA D 38 27.89 -20.62 13.47
N ASN D 39 27.11 -19.89 14.28
CA ASN D 39 27.57 -19.33 15.55
C ASN D 39 28.71 -18.32 15.44
N GLN D 40 29.08 -17.93 14.22
CA GLN D 40 30.16 -16.99 14.05
C GLN D 40 29.85 -15.74 13.24
N LYS D 41 29.38 -15.91 12.01
CA LYS D 41 29.09 -14.75 11.17
C LYS D 41 28.18 -14.99 9.98
N ILE D 42 27.71 -13.88 9.43
CA ILE D 42 26.83 -13.92 8.26
C ILE D 42 26.98 -12.67 7.43
N VAL D 43 26.84 -12.84 6.12
CA VAL D 43 26.90 -11.74 5.19
C VAL D 43 25.69 -11.93 4.29
N ALA D 44 24.85 -10.91 4.23
CA ALA D 44 23.65 -10.97 3.42
C ALA D 44 23.41 -9.58 2.85
N TYR D 45 22.32 -9.40 2.11
CA TYR D 45 22.04 -8.10 1.57
C TYR D 45 20.58 -7.91 1.20
N LYS D 46 20.21 -6.65 1.02
CA LYS D 46 18.87 -6.27 0.62
C LYS D 46 19.05 -5.24 -0.48
N ASN D 47 18.40 -5.45 -1.62
CA ASN D 47 18.50 -4.48 -2.69
C ASN D 47 17.62 -3.30 -2.37
N ILE D 48 18.08 -2.11 -2.73
CA ILE D 48 17.33 -0.88 -2.49
C ILE D 48 16.82 -0.35 -3.82
N THR D 49 15.50 -0.27 -3.94
CA THR D 49 14.87 0.20 -5.17
C THR D 49 13.90 1.34 -4.85
N PHE D 50 13.67 2.21 -5.83
CA PHE D 50 12.76 3.31 -5.62
C PHE D 50 11.33 2.77 -5.45
N ASN D 51 11.08 1.61 -6.03
CA ASN D 51 9.76 0.98 -5.97
C ASN D 51 9.37 0.40 -4.61
N GLU D 52 9.72 1.11 -3.56
CA GLU D 52 9.41 0.68 -2.19
C GLU D 52 8.54 1.76 -1.54
N ASP D 53 7.45 1.32 -0.91
CA ASP D 53 6.50 2.22 -0.28
C ASP D 53 7.12 3.21 0.72
N VAL D 54 8.11 2.75 1.48
CA VAL D 54 8.75 3.61 2.46
C VAL D 54 9.29 4.91 1.87
N PHE D 55 9.69 4.88 0.60
CA PHE D 55 10.23 6.09 -0.03
C PHE D 55 9.19 7.17 -0.31
N ASN D 56 7.90 6.82 -0.25
CA ASN D 56 6.85 7.82 -0.46
C ASN D 56 6.91 8.87 0.66
N GLY D 57 7.44 8.48 1.81
CA GLY D 57 7.52 9.42 2.91
C GLY D 57 8.88 9.69 3.51
N HIS D 58 9.94 9.20 2.88
CA HIS D 58 11.28 9.40 3.42
C HIS D 58 12.36 9.54 2.32
N PHE D 59 12.37 10.66 1.59
CA PHE D 59 11.41 11.75 1.76
C PHE D 59 10.93 12.16 0.38
N PRO D 60 9.88 12.99 0.31
CA PRO D 60 9.39 13.41 -1.00
C PRO D 60 10.51 14.07 -1.81
N ASN D 61 10.66 13.66 -3.06
CA ASN D 61 11.69 14.19 -3.95
C ASN D 61 13.11 14.02 -3.40
N LYS D 62 13.31 13.02 -2.56
CA LYS D 62 14.63 12.78 -1.98
C LYS D 62 14.61 11.45 -1.24
N PRO D 63 14.56 10.34 -2.01
CA PRO D 63 14.54 8.99 -1.44
C PRO D 63 15.80 8.64 -0.67
N ILE D 64 15.61 8.28 0.59
CA ILE D 64 16.71 7.90 1.46
C ILE D 64 16.24 6.76 2.34
N PHE D 65 16.89 5.61 2.23
CA PHE D 65 16.53 4.44 3.02
C PHE D 65 16.78 4.75 4.50
N PRO D 66 15.74 4.76 5.33
CA PRO D 66 15.82 5.05 6.77
C PRO D 66 16.94 4.33 7.53
N GLY D 67 17.72 5.10 8.29
CA GLY D 67 18.80 4.53 9.07
C GLY D 67 18.33 3.42 9.99
N VAL D 68 17.20 3.63 10.66
CA VAL D 68 16.65 2.62 11.57
C VAL D 68 16.31 1.32 10.85
N LEU D 69 15.92 1.42 9.58
CA LEU D 69 15.59 0.22 8.82
C LEU D 69 16.84 -0.57 8.47
N ILE D 70 17.97 0.12 8.35
CA ILE D 70 19.24 -0.56 8.07
C ILE D 70 19.60 -1.41 9.28
N VAL D 71 19.34 -0.87 10.48
CA VAL D 71 19.62 -1.58 11.71
C VAL D 71 18.70 -2.80 11.77
N GLU D 72 17.46 -2.60 11.36
CA GLU D 72 16.48 -3.68 11.34
C GLU D 72 16.99 -4.78 10.42
N GLY D 73 17.53 -4.38 9.27
CA GLY D 73 18.04 -5.33 8.31
C GLY D 73 19.19 -6.16 8.88
N MET D 74 20.04 -5.50 9.65
CA MET D 74 21.18 -6.17 10.27
C MET D 74 20.66 -7.14 11.34
N ALA D 75 19.60 -6.73 12.02
CA ALA D 75 19.00 -7.56 13.06
C ALA D 75 18.40 -8.82 12.45
N GLN D 76 17.72 -8.68 11.31
CA GLN D 76 17.12 -9.83 10.64
C GLN D 76 18.20 -10.79 10.16
N SER D 77 19.32 -10.27 9.69
CA SER D 77 20.42 -11.11 9.24
C SER D 77 20.93 -11.87 10.45
N GLY D 78 21.03 -11.16 11.57
CA GLY D 78 21.48 -11.78 12.80
C GLY D 78 20.51 -12.88 13.21
N GLY D 79 19.22 -12.56 13.14
CA GLY D 79 18.21 -13.55 13.51
C GLY D 79 18.29 -14.80 12.65
N PHE D 80 18.60 -14.62 11.37
CA PHE D 80 18.72 -15.75 10.47
C PHE D 80 19.91 -16.61 10.85
N LEU D 81 20.98 -15.98 11.31
CA LEU D 81 22.18 -16.69 11.72
C LEU D 81 21.89 -17.46 13.00
N ALA D 82 21.30 -16.77 13.96
CA ALA D 82 20.95 -17.35 15.25
C ALA D 82 20.09 -18.60 15.10
N PHE D 83 18.99 -18.48 14.36
CA PHE D 83 18.10 -19.61 14.18
C PHE D 83 18.78 -20.81 13.51
N THR D 84 19.38 -20.61 12.34
CA THR D 84 20.05 -21.70 11.64
C THR D 84 21.20 -22.31 12.45
N SER D 85 21.82 -21.50 13.31
CA SER D 85 22.91 -22.00 14.16
C SER D 85 22.33 -22.98 15.15
N LEU D 86 21.13 -22.64 15.66
CA LEU D 86 20.41 -23.43 16.65
C LEU D 86 19.64 -24.65 16.12
N TRP D 87 18.92 -24.47 15.01
CA TRP D 87 18.13 -25.55 14.46
C TRP D 87 18.42 -25.91 13.01
N GLY D 88 19.34 -25.19 12.38
CA GLY D 88 19.64 -25.47 10.99
C GLY D 88 18.48 -24.98 10.13
N PHE D 89 18.37 -25.49 8.91
CA PHE D 89 17.28 -25.08 8.06
C PHE D 89 16.05 -25.89 8.46
N ASP D 90 15.29 -25.39 9.43
CA ASP D 90 14.10 -26.10 9.91
C ASP D 90 12.86 -25.20 9.87
N PRO D 91 12.13 -25.20 8.74
CA PRO D 91 10.92 -24.39 8.57
C PRO D 91 9.86 -24.73 9.62
N GLU D 92 9.72 -26.01 9.92
CA GLU D 92 8.75 -26.48 10.89
C GLU D 92 8.90 -25.77 12.24
N ILE D 93 10.12 -25.74 12.76
CA ILE D 93 10.37 -25.09 14.05
C ILE D 93 10.41 -23.57 13.91
N ALA D 94 10.82 -23.08 12.75
CA ALA D 94 10.88 -21.65 12.51
C ALA D 94 9.51 -21.01 12.60
N LYS D 95 8.46 -21.80 12.36
CA LYS D 95 7.10 -21.29 12.37
C LYS D 95 6.62 -20.95 13.79
N THR D 96 7.24 -21.56 14.77
CA THR D 96 6.88 -21.36 16.16
C THR D 96 7.64 -20.22 16.86
N LYS D 97 8.39 -19.44 16.13
CA LYS D 97 9.15 -18.34 16.73
C LYS D 97 8.98 -17.00 16.06
N ILE D 98 9.43 -15.97 16.79
CA ILE D 98 9.47 -14.59 16.31
C ILE D 98 10.74 -14.06 16.96
N VAL D 99 11.19 -12.88 16.57
CA VAL D 99 12.42 -12.37 17.15
C VAL D 99 12.15 -11.04 17.82
N TYR D 100 12.72 -10.87 19.01
CA TYR D 100 12.55 -9.63 19.78
C TYR D 100 13.85 -8.87 19.93
N PHE D 101 13.78 -7.57 19.65
CA PHE D 101 14.91 -6.67 19.81
C PHE D 101 15.02 -6.41 21.30
N MET D 102 16.22 -6.51 21.85
CA MET D 102 16.43 -6.26 23.28
C MET D 102 17.21 -4.97 23.46
N THR D 103 18.33 -4.84 22.74
CA THR D 103 19.14 -3.64 22.83
C THR D 103 19.81 -3.30 21.51
N ILE D 104 20.19 -2.04 21.37
CA ILE D 104 20.89 -1.55 20.19
C ILE D 104 21.93 -0.62 20.75
N ASP D 105 23.16 -0.69 20.23
CA ASP D 105 24.24 0.15 20.72
C ASP D 105 25.26 0.49 19.67
N LYS D 106 26.04 1.55 19.93
CA LYS D 106 27.11 1.96 19.05
C LYS D 106 26.75 2.10 17.58
N VAL D 107 25.56 2.63 17.28
CA VAL D 107 25.20 2.79 15.89
C VAL D 107 25.61 4.15 15.33
N LYS D 108 26.22 4.12 14.15
CA LYS D 108 26.65 5.33 13.47
C LYS D 108 26.18 5.27 12.04
N PHE D 109 25.72 6.40 11.50
CA PHE D 109 25.25 6.46 10.13
C PHE D 109 26.24 7.34 9.36
N ARG D 110 27.15 6.70 8.63
CA ARG D 110 28.17 7.41 7.89
C ARG D 110 27.80 7.90 6.50
N ILE D 111 27.04 7.09 5.76
CA ILE D 111 26.68 7.45 4.39
C ILE D 111 25.22 7.14 4.08
N PRO D 112 24.50 8.10 3.48
CA PRO D 112 23.08 7.84 3.16
C PRO D 112 22.94 6.73 2.13
N VAL D 113 21.92 5.90 2.29
CA VAL D 113 21.64 4.78 1.38
C VAL D 113 20.48 5.18 0.49
N THR D 114 20.64 5.01 -0.82
CA THR D 114 19.60 5.39 -1.78
C THR D 114 19.29 4.32 -2.80
N PRO D 115 18.17 4.49 -3.53
CA PRO D 115 17.75 3.54 -4.56
C PRO D 115 18.91 3.18 -5.50
N GLY D 116 19.01 1.90 -5.84
CA GLY D 116 20.08 1.46 -6.71
C GLY D 116 21.25 0.92 -5.91
N ASP D 117 21.20 1.10 -4.59
CA ASP D 117 22.24 0.60 -3.69
C ASP D 117 21.98 -0.86 -3.33
N ARG D 118 23.05 -1.60 -3.10
CA ARG D 118 22.97 -2.98 -2.68
C ARG D 118 23.43 -2.94 -1.22
N LEU D 119 22.47 -2.89 -0.29
CA LEU D 119 22.79 -2.83 1.14
C LEU D 119 23.28 -4.17 1.66
N GLU D 120 24.58 -4.26 1.90
CA GLU D 120 25.22 -5.48 2.37
C GLU D 120 25.36 -5.49 3.90
N TYR D 121 24.89 -6.56 4.52
CA TYR D 121 24.96 -6.70 5.96
C TYR D 121 26.11 -7.62 6.36
N HIS D 122 26.96 -7.13 7.26
CA HIS D 122 28.09 -7.89 7.75
C HIS D 122 27.99 -8.00 9.27
N LEU D 123 27.66 -9.18 9.77
CA LEU D 123 27.50 -9.37 11.19
C LEU D 123 28.24 -10.56 11.75
N GLU D 124 28.80 -10.36 12.94
CA GLU D 124 29.51 -11.43 13.62
C GLU D 124 28.88 -11.62 15.00
N VAL D 125 29.01 -12.83 15.54
CA VAL D 125 28.44 -13.11 16.85
C VAL D 125 29.39 -12.66 17.94
N LEU D 126 28.93 -11.72 18.75
CA LEU D 126 29.73 -11.17 19.85
C LEU D 126 29.55 -12.06 21.07
N LYS D 127 28.36 -12.63 21.19
CA LYS D 127 28.03 -13.50 22.30
C LYS D 127 26.66 -14.10 22.04
N HIS D 128 26.43 -15.31 22.54
CA HIS D 128 25.16 -15.97 22.37
C HIS D 128 24.95 -17.00 23.48
N LYS D 129 23.78 -16.99 24.08
CA LYS D 129 23.45 -17.90 25.16
C LYS D 129 21.99 -18.31 25.02
N GLY D 130 21.77 -19.52 24.51
CA GLY D 130 20.40 -19.97 24.32
C GLY D 130 19.74 -19.19 23.20
N MET D 131 18.60 -18.57 23.51
CA MET D 131 17.85 -17.80 22.53
C MET D 131 18.35 -16.36 22.40
N ILE D 132 19.22 -15.94 23.33
CA ILE D 132 19.75 -14.58 23.33
C ILE D 132 21.04 -14.45 22.53
N TRP D 133 20.99 -13.65 21.47
CA TRP D 133 22.15 -13.47 20.61
C TRP D 133 22.59 -12.02 20.50
N GLN D 134 23.89 -11.80 20.62
CA GLN D 134 24.45 -10.47 20.51
C GLN D 134 25.36 -10.41 19.30
N VAL D 135 24.95 -9.61 18.32
CA VAL D 135 25.71 -9.46 17.09
C VAL D 135 26.15 -8.02 16.87
N GLY D 136 27.21 -7.86 16.10
CA GLY D 136 27.72 -6.54 15.81
C GLY D 136 28.39 -6.51 14.46
N GLY D 137 28.30 -5.39 13.76
CA GLY D 137 28.92 -5.32 12.47
C GLY D 137 28.70 -4.02 11.72
N THR D 138 28.61 -4.14 10.40
CA THR D 138 28.42 -2.98 9.56
C THR D 138 27.47 -3.27 8.41
N ALA D 139 27.07 -2.20 7.73
CA ALA D 139 26.20 -2.29 6.56
C ALA D 139 27.09 -1.66 5.49
N GLN D 140 27.23 -2.32 4.36
CA GLN D 140 28.10 -1.80 3.32
C GLN D 140 27.49 -1.66 1.95
N VAL D 141 27.95 -0.65 1.22
CA VAL D 141 27.50 -0.40 -0.13
C VAL D 141 28.77 -0.24 -0.98
N ASP D 142 28.96 -1.15 -1.93
CA ASP D 142 30.13 -1.13 -2.80
C ASP D 142 31.41 -1.09 -1.98
N GLY D 143 31.51 -2.00 -1.01
CA GLY D 143 32.70 -2.08 -0.16
C GLY D 143 32.94 -0.97 0.84
N LYS D 144 32.04 0.00 0.92
CA LYS D 144 32.19 1.12 1.87
C LYS D 144 31.24 1.00 3.06
N VAL D 145 31.74 1.29 4.25
CA VAL D 145 30.91 1.23 5.45
C VAL D 145 29.92 2.37 5.44
N VAL D 146 28.65 2.01 5.43
CA VAL D 146 27.56 2.97 5.41
C VAL D 146 26.97 3.14 6.81
N ALA D 147 27.06 2.10 7.62
CA ALA D 147 26.55 2.16 8.97
C ALA D 147 27.19 1.10 9.86
N GLU D 148 27.15 1.35 11.16
CA GLU D 148 27.72 0.43 12.15
C GLU D 148 26.68 0.26 13.24
N ALA D 149 26.66 -0.91 13.87
CA ALA D 149 25.70 -1.15 14.94
C ALA D 149 25.98 -2.44 15.70
N GLU D 150 25.46 -2.50 16.91
CA GLU D 150 25.57 -3.68 17.78
C GLU D 150 24.16 -3.86 18.30
N LEU D 151 23.72 -5.11 18.39
CA LEU D 151 22.38 -5.34 18.89
C LEU D 151 22.26 -6.70 19.52
N LYS D 152 21.29 -6.84 20.40
CA LYS D 152 21.03 -8.09 21.10
C LYS D 152 19.57 -8.43 20.89
N ALA D 153 19.31 -9.62 20.36
CA ALA D 153 17.96 -10.05 20.12
C ALA D 153 17.68 -11.35 20.87
N MET D 154 16.41 -11.74 20.87
CA MET D 154 15.99 -12.96 21.52
C MET D 154 14.96 -13.68 20.65
N ILE D 155 15.13 -14.99 20.53
CA ILE D 155 14.20 -15.80 19.77
C ILE D 155 13.22 -16.35 20.80
N ALA D 156 11.94 -16.14 20.56
CA ALA D 156 10.93 -16.58 21.51
C ALA D 156 9.76 -17.32 20.88
N GLU D 157 9.11 -18.14 21.71
CA GLU D 157 7.94 -18.90 21.28
C GLU D 157 6.81 -17.96 20.93
N ARG D 158 6.01 -18.35 19.95
CA ARG D 158 4.88 -17.57 19.50
C ARG D 158 3.77 -17.66 20.55
N GLU D 159 3.84 -18.71 21.38
CA GLU D 159 2.83 -18.90 22.41
C GLU D 159 1.43 -18.81 21.82
N LEU E 8 -16.84 -15.97 29.87
CA LEU E 8 -16.52 -14.92 28.84
C LEU E 8 -15.88 -13.72 29.52
N GLN E 9 -14.73 -13.29 28.99
CA GLN E 9 -13.99 -12.16 29.53
C GLN E 9 -14.68 -10.83 29.21
N SER E 10 -14.09 -9.73 29.70
CA SER E 10 -14.64 -8.40 29.46
C SER E 10 -13.62 -7.53 28.75
N GLN E 11 -12.35 -7.93 28.80
CA GLN E 11 -11.27 -7.20 28.16
C GLN E 11 -10.66 -8.09 27.07
N PHE E 12 -10.59 -7.58 25.84
CA PHE E 12 -10.01 -8.33 24.73
C PHE E 12 -9.02 -7.49 23.97
N PHE E 13 -7.90 -8.10 23.58
CA PHE E 13 -6.87 -7.40 22.84
C PHE E 13 -6.88 -7.75 21.35
N ILE E 14 -6.14 -7.00 20.55
CA ILE E 14 -6.09 -7.22 19.12
C ILE E 14 -6.00 -8.69 18.71
N GLU E 15 -5.22 -9.48 19.45
CA GLU E 15 -5.09 -10.90 19.12
C GLU E 15 -6.43 -11.61 19.21
N HIS E 16 -7.21 -11.29 20.23
CA HIS E 16 -8.52 -11.90 20.43
C HIS E 16 -9.50 -11.43 19.34
N ILE E 17 -9.38 -10.16 18.98
CA ILE E 17 -10.24 -9.58 17.96
C ILE E 17 -10.00 -10.28 16.61
N LEU E 18 -8.74 -10.57 16.30
CA LEU E 18 -8.38 -11.23 15.06
C LEU E 18 -8.96 -12.65 14.97
N GLN E 19 -9.15 -13.28 16.12
CA GLN E 19 -9.70 -14.63 16.15
C GLN E 19 -11.22 -14.70 16.06
N ILE E 20 -11.87 -13.55 16.19
CA ILE E 20 -13.34 -13.49 16.14
C ILE E 20 -13.86 -12.80 14.88
N LEU E 21 -13.40 -11.59 14.61
CA LEU E 21 -13.85 -10.85 13.44
C LEU E 21 -13.16 -11.31 12.16
N PRO E 22 -13.92 -11.37 11.06
CA PRO E 22 -13.34 -11.79 9.78
C PRO E 22 -12.57 -10.67 9.08
N HIS E 23 -12.80 -9.44 9.50
CA HIS E 23 -12.14 -8.27 8.90
C HIS E 23 -10.62 -8.31 9.02
N ARG E 24 -9.94 -7.75 8.03
CA ARG E 24 -8.49 -7.70 8.02
C ARG E 24 -8.04 -6.37 7.43
N TYR E 25 -6.73 -6.13 7.43
CA TYR E 25 -6.21 -4.87 6.90
C TYR E 25 -6.62 -4.73 5.44
N PRO E 26 -7.05 -3.52 5.03
CA PRO E 26 -7.19 -2.30 5.82
C PRO E 26 -8.62 -2.03 6.30
N MET E 27 -9.33 -3.06 6.74
CA MET E 27 -10.70 -2.88 7.18
C MET E 27 -11.04 -3.44 8.56
N LEU E 28 -10.02 -3.67 9.39
CA LEU E 28 -10.22 -4.13 10.75
C LEU E 28 -10.04 -2.84 11.55
N LEU E 29 -11.15 -2.22 11.92
CA LEU E 29 -11.12 -0.94 12.60
C LEU E 29 -11.43 -0.94 14.10
N VAL E 30 -10.96 -1.96 14.80
CA VAL E 30 -11.14 -2.09 16.24
C VAL E 30 -9.83 -2.61 16.80
N ASP E 31 -9.24 -1.88 17.73
CA ASP E 31 -7.96 -2.30 18.31
C ASP E 31 -8.05 -3.00 19.66
N ARG E 32 -9.06 -2.68 20.45
CA ARG E 32 -9.19 -3.30 21.76
C ARG E 32 -10.61 -3.20 22.32
N ILE E 33 -10.99 -4.17 23.14
CA ILE E 33 -12.32 -4.18 23.76
C ILE E 33 -12.08 -3.92 25.24
N THR E 34 -12.65 -2.85 25.79
CA THR E 34 -12.43 -2.55 27.21
C THR E 34 -13.44 -3.17 28.15
N GLU E 35 -14.68 -3.31 27.70
CA GLU E 35 -15.71 -3.93 28.52
C GLU E 35 -16.76 -4.56 27.60
N LEU E 36 -17.32 -5.69 28.03
CA LEU E 36 -18.30 -6.37 27.21
C LEU E 36 -19.30 -7.16 28.04
N GLN E 37 -20.59 -6.87 27.81
CA GLN E 37 -21.68 -7.56 28.50
C GLN E 37 -22.50 -8.31 27.44
N ALA E 38 -22.46 -9.63 27.49
CA ALA E 38 -23.18 -10.48 26.54
C ALA E 38 -24.64 -10.07 26.30
N ASN E 39 -25.03 -10.01 25.03
CA ASN E 39 -26.39 -9.66 24.64
C ASN E 39 -26.84 -8.27 25.04
N GLN E 40 -25.94 -7.48 25.61
CA GLN E 40 -26.32 -6.14 26.05
C GLN E 40 -25.51 -4.98 25.50
N LYS E 41 -24.24 -4.89 25.87
CA LYS E 41 -23.41 -3.80 25.38
C LYS E 41 -21.93 -4.13 25.28
N ILE E 42 -21.20 -3.24 24.61
CA ILE E 42 -19.77 -3.40 24.44
C ILE E 42 -19.14 -2.02 24.31
N VAL E 43 -17.92 -1.91 24.80
CA VAL E 43 -17.15 -0.68 24.74
C VAL E 43 -15.79 -1.09 24.21
N ALA E 44 -15.36 -0.47 23.13
CA ALA E 44 -14.07 -0.79 22.52
C ALA E 44 -13.51 0.48 21.90
N TYR E 45 -12.34 0.39 21.28
CA TYR E 45 -11.77 1.57 20.68
C TYR E 45 -10.74 1.25 19.60
N LYS E 46 -10.46 2.28 18.82
CA LYS E 46 -9.48 2.20 17.75
C LYS E 46 -8.61 3.46 17.82
N ASN E 47 -7.30 3.28 17.83
CA ASN E 47 -6.42 4.43 17.85
C ASN E 47 -6.38 5.03 16.45
N ILE E 48 -6.32 6.35 16.38
CA ILE E 48 -6.26 7.04 15.09
C ILE E 48 -4.87 7.67 14.99
N THR E 49 -4.13 7.32 13.95
CA THR E 49 -2.79 7.84 13.75
C THR E 49 -2.63 8.35 12.33
N PHE E 50 -1.66 9.22 12.10
CA PHE E 50 -1.45 9.74 10.76
C PHE E 50 -0.96 8.61 9.87
N ASN E 51 -0.25 7.66 10.46
CA ASN E 51 0.30 6.52 9.75
C ASN E 51 -0.73 5.51 9.24
N GLU E 52 -1.83 6.00 8.68
CA GLU E 52 -2.89 5.15 8.14
C GLU E 52 -3.09 5.59 6.69
N ASP E 53 -3.16 4.63 5.77
CA ASP E 53 -3.31 4.89 4.35
C ASP E 53 -4.49 5.78 3.96
N VAL E 54 -5.61 5.69 4.70
CA VAL E 54 -6.79 6.50 4.40
C VAL E 54 -6.47 7.98 4.31
N PHE E 55 -5.57 8.42 5.18
CA PHE E 55 -5.20 9.82 5.25
C PHE E 55 -4.50 10.35 3.99
N ASN E 56 -4.00 9.46 3.16
CA ASN E 56 -3.38 9.92 1.92
C ASN E 56 -4.42 10.64 1.08
N GLY E 57 -5.68 10.22 1.19
CA GLY E 57 -6.72 10.86 0.40
C GLY E 57 -7.90 11.47 1.12
N HIS E 58 -7.83 11.61 2.43
CA HIS E 58 -8.95 12.18 3.17
C HIS E 58 -8.50 13.00 4.39
N PHE E 59 -7.97 14.20 4.16
CA PHE E 59 -7.75 14.75 2.82
C PHE E 59 -6.30 15.23 2.77
N PRO E 60 -5.77 15.51 1.57
CA PRO E 60 -4.38 15.96 1.49
C PRO E 60 -4.18 17.23 2.33
N ASN E 61 -3.21 17.22 3.23
CA ASN E 61 -2.93 18.36 4.10
C ASN E 61 -3.96 18.57 5.19
N LYS E 62 -4.96 17.70 5.25
CA LYS E 62 -5.98 17.83 6.29
C LYS E 62 -6.58 16.47 6.63
N PRO E 63 -5.84 15.66 7.39
CA PRO E 63 -6.28 14.33 7.81
C PRO E 63 -7.53 14.29 8.68
N ILE E 64 -8.62 13.79 8.10
CA ILE E 64 -9.90 13.65 8.80
C ILE E 64 -10.30 12.18 8.68
N PHE E 65 -10.44 11.47 9.80
CA PHE E 65 -10.84 10.06 9.73
C PHE E 65 -12.26 10.03 9.16
N PRO E 66 -12.45 9.33 8.03
CA PRO E 66 -13.76 9.23 7.37
C PRO E 66 -14.92 8.84 8.28
N GLY E 67 -16.00 9.63 8.21
CA GLY E 67 -17.18 9.37 9.02
C GLY E 67 -17.74 7.98 8.83
N VAL E 68 -17.76 7.51 7.58
CA VAL E 68 -18.29 6.18 7.28
C VAL E 68 -17.44 5.09 7.94
N LEU E 69 -16.15 5.34 8.11
CA LEU E 69 -15.29 4.33 8.73
C LEU E 69 -15.53 4.30 10.23
N ILE E 70 -16.05 5.40 10.77
CA ILE E 70 -16.36 5.46 12.20
C ILE E 70 -17.57 4.54 12.40
N VAL E 71 -18.50 4.62 11.46
CA VAL E 71 -19.70 3.80 11.51
C VAL E 71 -19.29 2.33 11.38
N GLU E 72 -18.35 2.06 10.48
CA GLU E 72 -17.84 0.71 10.26
C GLU E 72 -17.23 0.17 11.55
N GLY E 73 -16.50 1.03 12.27
CA GLY E 73 -15.86 0.63 13.51
C GLY E 73 -16.88 0.21 14.57
N MET E 74 -17.97 0.95 14.65
CA MET E 74 -19.03 0.67 15.61
C MET E 74 -19.69 -0.65 15.24
N ALA E 75 -19.87 -0.88 13.94
CA ALA E 75 -20.49 -2.11 13.45
C ALA E 75 -19.63 -3.31 13.80
N GLN E 76 -18.32 -3.17 13.65
CA GLN E 76 -17.40 -4.24 13.98
C GLN E 76 -17.46 -4.50 15.48
N SER E 77 -17.60 -3.44 16.27
CA SER E 77 -17.70 -3.57 17.72
C SER E 77 -18.96 -4.37 18.02
N GLY E 78 -20.03 -4.03 17.33
CA GLY E 78 -21.28 -4.74 17.52
C GLY E 78 -21.13 -6.17 17.05
N GLY E 79 -20.41 -6.37 15.95
CA GLY E 79 -20.21 -7.70 15.42
C GLY E 79 -19.53 -8.61 16.40
N PHE E 80 -18.52 -8.08 17.10
CA PHE E 80 -17.79 -8.85 18.08
C PHE E 80 -18.73 -9.23 19.23
N LEU E 81 -19.56 -8.27 19.62
CA LEU E 81 -20.53 -8.47 20.70
C LEU E 81 -21.53 -9.55 20.29
N ALA E 82 -22.00 -9.43 19.05
CA ALA E 82 -22.97 -10.37 18.52
C ALA E 82 -22.41 -11.79 18.55
N PHE E 83 -21.23 -11.97 17.96
CA PHE E 83 -20.63 -13.30 17.89
C PHE E 83 -20.36 -13.98 19.24
N THR E 84 -19.69 -13.29 20.15
CA THR E 84 -19.36 -13.87 21.44
C THR E 84 -20.60 -14.13 22.29
N SER E 85 -21.69 -13.41 22.03
CA SER E 85 -22.92 -13.60 22.77
C SER E 85 -23.58 -14.87 22.23
N LEU E 86 -23.34 -15.18 20.96
CA LEU E 86 -23.91 -16.37 20.33
C LEU E 86 -23.16 -17.65 20.66
N TRP E 87 -21.87 -17.69 20.31
CA TRP E 87 -21.05 -18.87 20.53
C TRP E 87 -19.97 -18.70 21.57
N GLY E 88 -19.91 -17.53 22.19
CA GLY E 88 -18.87 -17.30 23.18
C GLY E 88 -17.58 -17.07 22.42
N PHE E 89 -16.45 -17.19 23.09
CA PHE E 89 -15.18 -16.97 22.42
C PHE E 89 -14.72 -18.26 21.73
N ASP E 90 -15.16 -18.46 20.50
CA ASP E 90 -14.78 -19.66 19.76
C ASP E 90 -14.24 -19.34 18.38
N PRO E 91 -12.90 -19.27 18.25
CA PRO E 91 -12.23 -18.98 16.99
C PRO E 91 -12.52 -19.98 15.85
N GLU E 92 -12.67 -21.26 16.20
CA GLU E 92 -12.93 -22.28 15.19
C GLU E 92 -14.27 -22.07 14.49
N ILE E 93 -15.25 -21.56 15.21
CA ILE E 93 -16.55 -21.29 14.61
C ILE E 93 -16.47 -19.96 13.87
N ALA E 94 -15.73 -19.03 14.47
CA ALA E 94 -15.58 -17.69 13.92
C ALA E 94 -14.88 -17.60 12.57
N LYS E 95 -13.86 -18.43 12.34
CA LYS E 95 -13.13 -18.35 11.08
C LYS E 95 -13.91 -18.54 9.77
N THR E 96 -15.14 -19.03 9.83
CA THR E 96 -15.91 -19.20 8.60
C THR E 96 -17.16 -18.32 8.52
N LYS E 97 -17.25 -17.33 9.40
CA LYS E 97 -18.39 -16.40 9.40
C LYS E 97 -17.96 -15.05 8.83
N ILE E 98 -18.90 -14.38 8.15
CA ILE E 98 -18.64 -13.05 7.63
C ILE E 98 -19.77 -12.22 8.21
N VAL E 99 -19.73 -10.91 8.01
CA VAL E 99 -20.77 -10.04 8.53
C VAL E 99 -21.26 -9.03 7.49
N TYR E 100 -22.57 -9.01 7.25
CA TYR E 100 -23.14 -8.09 6.27
C TYR E 100 -23.89 -6.97 6.95
N PHE E 101 -23.76 -5.78 6.39
CA PHE E 101 -24.46 -4.61 6.87
C PHE E 101 -25.85 -4.75 6.27
N MET E 102 -26.90 -4.48 7.05
CA MET E 102 -28.25 -4.58 6.52
C MET E 102 -28.85 -3.18 6.40
N THR E 103 -28.72 -2.40 7.47
CA THR E 103 -29.23 -1.03 7.48
C THR E 103 -28.40 -0.12 8.38
N ILE E 104 -28.54 1.18 8.13
CA ILE E 104 -27.85 2.20 8.90
C ILE E 104 -28.85 3.33 9.09
N ASP E 105 -29.00 3.80 10.31
CA ASP E 105 -29.95 4.87 10.58
C ASP E 105 -29.52 5.85 11.65
N LYS E 106 -30.11 7.04 11.57
CA LYS E 106 -29.89 8.11 12.53
C LYS E 106 -28.45 8.33 12.96
N VAL E 107 -27.54 8.43 11.99
CA VAL E 107 -26.17 8.67 12.33
C VAL E 107 -25.97 10.19 12.18
N LYS E 108 -25.26 10.76 13.13
CA LYS E 108 -25.00 12.20 13.12
C LYS E 108 -23.57 12.40 13.57
N PHE E 109 -22.80 13.17 12.79
CA PHE E 109 -21.41 13.44 13.13
C PHE E 109 -21.35 14.84 13.74
N ARG E 110 -20.75 14.95 14.91
CA ARG E 110 -20.66 16.23 15.60
C ARG E 110 -19.28 16.86 15.61
N ILE E 111 -18.27 16.03 15.86
CA ILE E 111 -16.89 16.51 15.92
C ILE E 111 -16.01 15.70 14.97
N PRO E 112 -15.11 16.36 14.25
CA PRO E 112 -14.24 15.62 13.34
C PRO E 112 -13.20 14.82 14.12
N VAL E 113 -12.86 13.63 13.63
CA VAL E 113 -11.87 12.78 14.28
C VAL E 113 -10.56 12.92 13.51
N THR E 114 -9.45 13.07 14.24
CA THR E 114 -8.14 13.26 13.60
C THR E 114 -7.03 12.44 14.25
N PRO E 115 -5.86 12.37 13.59
CA PRO E 115 -4.69 11.64 14.10
C PRO E 115 -4.38 12.02 15.53
N GLY E 116 -4.15 11.02 16.37
CA GLY E 116 -3.86 11.27 17.77
C GLY E 116 -5.10 11.07 18.63
N ASP E 117 -6.24 10.83 17.99
CA ASP E 117 -7.49 10.60 18.72
C ASP E 117 -7.67 9.12 19.08
N ARG E 118 -8.33 8.88 20.21
CA ARG E 118 -8.62 7.52 20.65
C ARG E 118 -10.14 7.39 20.44
N LEU E 119 -10.53 6.79 19.32
CA LEU E 119 -11.94 6.63 18.97
C LEU E 119 -12.59 5.49 19.75
N GLU E 120 -13.36 5.86 20.76
CA GLU E 120 -14.02 4.90 21.62
C GLU E 120 -15.44 4.57 21.16
N TYR E 121 -15.71 3.30 20.93
CA TYR E 121 -17.02 2.86 20.48
C TYR E 121 -17.89 2.39 21.66
N HIS E 122 -19.13 2.87 21.69
CA HIS E 122 -20.07 2.45 22.72
C HIS E 122 -21.32 1.98 22.01
N LEU E 123 -21.55 0.67 22.04
CA LEU E 123 -22.71 0.08 21.39
C LEU E 123 -23.57 -0.70 22.37
N GLU E 124 -24.87 -0.57 22.20
CA GLU E 124 -25.83 -1.28 23.03
C GLU E 124 -26.78 -2.03 22.11
N VAL E 125 -27.20 -3.21 22.53
CA VAL E 125 -28.10 -4.03 21.75
C VAL E 125 -29.52 -3.52 21.88
N LEU E 126 -30.09 -3.07 20.76
CA LEU E 126 -31.45 -2.56 20.75
C LEU E 126 -32.43 -3.70 20.52
N LYS E 127 -32.00 -4.66 19.70
CA LYS E 127 -32.82 -5.80 19.36
C LYS E 127 -31.99 -6.81 18.57
N HIS E 128 -32.18 -8.08 18.87
CA HIS E 128 -31.43 -9.13 18.18
C HIS E 128 -32.26 -10.39 18.12
N LYS E 129 -32.15 -11.09 16.99
CA LYS E 129 -32.91 -12.33 16.77
C LYS E 129 -32.06 -13.20 15.86
N GLY E 130 -31.54 -14.29 16.39
CA GLY E 130 -30.71 -15.16 15.58
C GLY E 130 -29.43 -14.45 15.20
N MET E 131 -29.17 -14.37 13.90
CA MET E 131 -27.97 -13.75 13.35
C MET E 131 -28.13 -12.25 13.13
N ILE E 132 -29.37 -11.77 13.19
CA ILE E 132 -29.64 -10.36 12.96
C ILE E 132 -29.58 -9.54 14.26
N TRP E 133 -28.56 -8.70 14.34
CA TRP E 133 -28.36 -7.86 15.50
C TRP E 133 -28.49 -6.39 15.14
N GLN E 134 -29.27 -5.67 15.96
CA GLN E 134 -29.48 -4.25 15.76
C GLN E 134 -28.93 -3.52 16.97
N VAL E 135 -27.82 -2.82 16.76
CA VAL E 135 -27.17 -2.08 17.83
C VAL E 135 -27.23 -0.59 17.59
N GLY E 136 -26.99 0.17 18.64
CA GLY E 136 -27.01 1.62 18.53
C GLY E 136 -26.11 2.19 19.59
N GLY E 137 -25.56 3.36 19.33
CA GLY E 137 -24.67 3.97 20.31
C GLY E 137 -23.93 5.17 19.78
N THR E 138 -22.75 5.38 20.34
CA THR E 138 -21.93 6.51 19.96
C THR E 138 -20.46 6.16 19.85
N ALA E 139 -19.71 7.10 19.30
CA ALA E 139 -18.27 7.00 19.15
C ALA E 139 -17.83 8.22 19.94
N GLN E 140 -16.83 8.07 20.80
CA GLN E 140 -16.37 9.18 21.63
C GLN E 140 -14.87 9.40 21.62
N VAL E 141 -14.49 10.66 21.88
CA VAL E 141 -13.08 11.04 21.95
C VAL E 141 -12.92 11.95 23.18
N ASP E 142 -12.12 11.50 24.13
CA ASP E 142 -11.88 12.25 25.35
C ASP E 142 -13.19 12.53 26.07
N GLY E 143 -14.02 11.49 26.21
CA GLY E 143 -15.30 11.63 26.89
C GLY E 143 -16.39 12.40 26.16
N LYS E 144 -16.11 12.91 24.97
CA LYS E 144 -17.10 13.66 24.20
C LYS E 144 -17.63 12.86 23.02
N VAL E 145 -18.91 13.04 22.72
CA VAL E 145 -19.55 12.33 21.62
C VAL E 145 -19.22 12.96 20.27
N VAL E 146 -18.55 12.21 19.42
CA VAL E 146 -18.19 12.69 18.09
C VAL E 146 -19.13 12.11 17.04
N ALA E 147 -19.90 11.11 17.42
CA ALA E 147 -20.83 10.47 16.50
C ALA E 147 -21.88 9.60 17.18
N GLU E 148 -23.03 9.50 16.53
CA GLU E 148 -24.15 8.69 17.02
C GLU E 148 -24.54 7.81 15.84
N ALA E 149 -24.95 6.57 16.13
CA ALA E 149 -25.33 5.69 15.05
C ALA E 149 -26.15 4.49 15.49
N GLU E 150 -27.02 4.08 14.58
CA GLU E 150 -27.89 2.93 14.78
C GLU E 150 -27.66 2.06 13.54
N LEU E 151 -27.47 0.76 13.74
CA LEU E 151 -27.23 -0.13 12.63
C LEU E 151 -27.71 -1.55 12.91
N LYS E 152 -27.94 -2.28 11.81
CA LYS E 152 -28.38 -3.66 11.90
C LYS E 152 -27.47 -4.46 10.98
N ALA E 153 -26.81 -5.46 11.54
CA ALA E 153 -25.90 -6.29 10.77
C ALA E 153 -26.28 -7.77 10.90
N MET E 154 -25.86 -8.56 9.93
CA MET E 154 -26.16 -9.98 9.95
C MET E 154 -24.90 -10.81 9.90
N ILE E 155 -24.81 -11.79 10.81
CA ILE E 155 -23.67 -12.69 10.85
C ILE E 155 -24.07 -13.85 9.94
N ALA E 156 -23.17 -14.25 9.05
CA ALA E 156 -23.49 -15.34 8.12
C ALA E 156 -22.32 -16.26 7.82
N GLU E 157 -22.64 -17.54 7.68
CA GLU E 157 -21.65 -18.57 7.36
C GLU E 157 -21.18 -18.33 5.92
N ARG E 158 -19.87 -18.32 5.71
CA ARG E 158 -19.34 -18.10 4.36
C ARG E 158 -19.74 -19.30 3.51
N GLU E 159 -20.24 -19.04 2.31
CA GLU E 159 -20.60 -20.13 1.44
C GLU E 159 -20.20 -19.81 0.02
N GLN F 11 -20.55 14.77 -20.23
CA GLN F 11 -19.99 13.86 -19.19
C GLN F 11 -18.74 14.43 -18.53
N PHE F 12 -18.54 14.10 -17.25
CA PHE F 12 -17.35 14.54 -16.52
C PHE F 12 -16.52 13.31 -16.23
N PHE F 13 -15.26 13.31 -16.65
CA PHE F 13 -14.40 12.17 -16.42
C PHE F 13 -13.53 12.36 -15.18
N ILE F 14 -12.76 11.34 -14.83
CA ILE F 14 -11.92 11.38 -13.64
C ILE F 14 -11.13 12.69 -13.51
N GLU F 15 -10.55 13.15 -14.60
CA GLU F 15 -9.78 14.40 -14.60
C GLU F 15 -10.61 15.58 -14.08
N HIS F 16 -11.87 15.67 -14.51
CA HIS F 16 -12.76 16.75 -14.09
C HIS F 16 -13.16 16.56 -12.63
N ILE F 17 -13.44 15.32 -12.25
CA ILE F 17 -13.83 15.02 -10.88
C ILE F 17 -12.69 15.42 -9.93
N LEU F 18 -11.46 15.21 -10.36
CA LEU F 18 -10.29 15.56 -9.55
C LEU F 18 -10.17 17.07 -9.32
N GLN F 19 -10.73 17.85 -10.25
CA GLN F 19 -10.67 19.30 -10.13
C GLN F 19 -11.73 19.85 -9.20
N ILE F 20 -12.77 19.06 -8.93
CA ILE F 20 -13.83 19.52 -8.05
C ILE F 20 -13.79 18.91 -6.65
N LEU F 21 -13.75 17.59 -6.56
CA LEU F 21 -13.72 16.93 -5.26
C LEU F 21 -12.30 16.93 -4.68
N PRO F 22 -12.19 17.13 -3.36
CA PRO F 22 -10.90 17.16 -2.66
C PRO F 22 -10.38 15.76 -2.35
N HIS F 23 -11.26 14.77 -2.40
CA HIS F 23 -10.88 13.39 -2.09
C HIS F 23 -9.82 12.85 -3.05
N ARG F 24 -8.95 11.99 -2.53
CA ARG F 24 -7.91 11.36 -3.34
C ARG F 24 -7.74 9.91 -2.90
N TYR F 25 -6.86 9.19 -3.57
CA TYR F 25 -6.62 7.79 -3.25
C TYR F 25 -6.18 7.64 -1.79
N PRO F 26 -6.73 6.64 -1.09
CA PRO F 26 -7.72 5.68 -1.59
C PRO F 26 -9.16 6.00 -1.16
N MET F 27 -9.52 7.28 -1.15
CA MET F 27 -10.87 7.66 -0.75
C MET F 27 -11.68 8.41 -1.80
N LEU F 28 -11.25 8.35 -3.06
CA LEU F 28 -11.99 8.99 -4.15
C LEU F 28 -12.74 7.82 -4.76
N LEU F 29 -14.03 7.74 -4.50
CA LEU F 29 -14.82 6.62 -4.97
C LEU F 29 -15.85 6.87 -6.07
N VAL F 30 -15.55 7.81 -6.95
CA VAL F 30 -16.41 8.12 -8.09
C VAL F 30 -15.49 8.26 -9.28
N ASP F 31 -15.73 7.46 -10.31
CA ASP F 31 -14.89 7.48 -11.51
C ASP F 31 -15.41 8.32 -12.66
N ARG F 32 -16.72 8.50 -12.75
CA ARG F 32 -17.28 9.25 -13.86
C ARG F 32 -18.70 9.77 -13.59
N ILE F 33 -19.02 10.93 -14.17
CA ILE F 33 -20.34 11.55 -14.02
C ILE F 33 -21.05 11.42 -15.37
N THR F 34 -22.21 10.77 -15.39
CA THR F 34 -22.96 10.58 -16.63
C THR F 34 -24.10 11.58 -16.83
N GLU F 35 -24.72 12.03 -15.74
CA GLU F 35 -25.82 12.99 -15.82
C GLU F 35 -25.73 14.02 -14.69
N LEU F 36 -25.96 15.29 -15.01
CA LEU F 36 -25.92 16.34 -14.02
C LEU F 36 -27.00 17.39 -14.28
N GLN F 37 -27.85 17.64 -13.28
CA GLN F 37 -28.89 18.64 -13.39
C GLN F 37 -28.89 19.49 -12.13
N ALA F 38 -28.25 20.66 -12.22
CA ALA F 38 -28.12 21.59 -11.11
C ALA F 38 -29.36 21.68 -10.21
N ASN F 39 -29.13 21.53 -8.91
CA ASN F 39 -30.20 21.61 -7.90
C ASN F 39 -31.28 20.55 -8.06
N GLN F 40 -31.02 19.55 -8.89
CA GLN F 40 -31.99 18.50 -9.12
C GLN F 40 -31.48 17.10 -8.84
N LYS F 41 -30.57 16.61 -9.67
CA LYS F 41 -30.04 15.26 -9.49
C LYS F 41 -28.72 15.01 -10.19
N ILE F 42 -28.14 13.85 -9.93
CA ILE F 42 -26.88 13.46 -10.55
C ILE F 42 -26.79 11.95 -10.62
N VAL F 43 -26.24 11.45 -11.72
CA VAL F 43 -26.05 10.03 -11.93
C VAL F 43 -24.57 9.84 -12.25
N ALA F 44 -23.90 9.01 -11.46
CA ALA F 44 -22.49 8.75 -11.67
C ALA F 44 -22.19 7.32 -11.29
N TYR F 45 -20.94 6.90 -11.47
CA TYR F 45 -20.59 5.54 -11.11
C TYR F 45 -19.12 5.35 -10.78
N LYS F 46 -18.84 4.19 -10.21
CA LYS F 46 -17.51 3.79 -9.85
C LYS F 46 -17.37 2.31 -10.22
N ASN F 47 -16.31 1.97 -10.94
CA ASN F 47 -16.10 0.58 -11.30
C ASN F 47 -15.53 -0.16 -10.08
N ILE F 48 -15.93 -1.41 -9.91
CA ILE F 48 -15.44 -2.22 -8.82
C ILE F 48 -14.56 -3.32 -9.40
N THR F 49 -13.30 -3.33 -8.99
CA THR F 49 -12.34 -4.29 -9.48
C THR F 49 -11.63 -4.98 -8.31
N PHE F 50 -11.18 -6.21 -8.52
CA PHE F 50 -10.49 -6.93 -7.47
C PHE F 50 -9.19 -6.20 -7.08
N ASN F 51 -8.64 -5.43 -8.03
CA ASN F 51 -7.39 -4.70 -7.84
C ASN F 51 -7.52 -3.47 -6.94
N GLU F 52 -8.27 -3.60 -5.85
CA GLU F 52 -8.47 -2.51 -4.90
C GLU F 52 -8.01 -3.00 -3.52
N ASP F 53 -7.18 -2.23 -2.85
CA ASP F 53 -6.63 -2.59 -1.55
C ASP F 53 -7.70 -2.99 -0.50
N VAL F 54 -8.90 -2.39 -0.57
CA VAL F 54 -9.96 -2.72 0.39
C VAL F 54 -10.26 -4.21 0.47
N PHE F 55 -10.21 -4.88 -0.67
CA PHE F 55 -10.54 -6.29 -0.74
C PHE F 55 -9.58 -7.22 -0.02
N ASN F 56 -8.38 -6.73 0.32
CA ASN F 56 -7.44 -7.57 1.06
C ASN F 56 -8.07 -7.90 2.41
N GLY F 57 -8.81 -6.96 2.97
CA GLY F 57 -9.43 -7.19 4.26
C GLY F 57 -10.95 -7.19 4.33
N HIS F 58 -11.64 -7.26 3.19
CA HIS F 58 -13.10 -7.24 3.21
C HIS F 58 -13.77 -8.04 2.09
N PHE F 59 -13.68 -9.38 2.14
CA PHE F 59 -13.00 -10.09 3.20
C PHE F 59 -12.00 -11.01 2.54
N PRO F 60 -11.05 -11.56 3.31
CA PRO F 60 -10.07 -12.46 2.71
C PRO F 60 -10.83 -13.62 2.06
N ASN F 61 -10.49 -13.96 0.82
CA ASN F 61 -11.16 -15.08 0.13
C ASN F 61 -12.63 -14.80 -0.23
N LYS F 62 -13.11 -13.61 0.06
CA LYS F 62 -14.50 -13.26 -0.28
C LYS F 62 -14.65 -11.75 -0.43
N PRO F 63 -14.30 -11.22 -1.63
CA PRO F 63 -14.39 -9.79 -1.94
C PRO F 63 -15.79 -9.21 -1.99
N ILE F 64 -16.06 -8.31 -1.05
CA ILE F 64 -17.34 -7.63 -0.94
C ILE F 64 -17.05 -6.15 -0.70
N PHE F 65 -17.52 -5.30 -1.61
CA PHE F 65 -17.30 -3.87 -1.49
C PHE F 65 -18.04 -3.36 -0.26
N PRO F 66 -17.32 -2.75 0.69
CA PRO F 66 -17.92 -2.23 1.92
C PRO F 66 -19.18 -1.37 1.75
N GLY F 67 -20.23 -1.72 2.49
CA GLY F 67 -21.47 -0.98 2.41
C GLY F 67 -21.26 0.49 2.72
N VAL F 68 -20.40 0.77 3.70
CA VAL F 68 -20.13 2.15 4.08
C VAL F 68 -19.42 2.93 2.97
N LEU F 69 -18.68 2.22 2.12
CA LEU F 69 -17.98 2.87 1.01
C LEU F 69 -18.95 3.15 -0.12
N ILE F 70 -20.05 2.39 -0.16
CA ILE F 70 -21.07 2.61 -1.18
C ILE F 70 -21.71 3.95 -0.82
N VAL F 71 -21.98 4.13 0.47
CA VAL F 71 -22.58 5.36 0.97
C VAL F 71 -21.62 6.54 0.73
N GLU F 72 -20.33 6.30 0.94
CA GLU F 72 -19.32 7.33 0.72
C GLU F 72 -19.35 7.75 -0.76
N GLY F 73 -19.44 6.76 -1.64
CA GLY F 73 -19.49 7.04 -3.06
C GLY F 73 -20.72 7.85 -3.41
N MET F 74 -21.81 7.63 -2.69
CA MET F 74 -23.04 8.35 -2.93
C MET F 74 -22.90 9.78 -2.40
N ALA F 75 -22.22 9.91 -1.26
CA ALA F 75 -22.00 11.21 -0.65
C ALA F 75 -21.13 12.06 -1.57
N GLN F 76 -20.06 11.45 -2.09
CA GLN F 76 -19.18 12.17 -3.00
C GLN F 76 -19.95 12.60 -4.23
N SER F 77 -20.79 11.72 -4.75
CA SER F 77 -21.60 12.06 -5.92
C SER F 77 -22.45 13.26 -5.58
N GLY F 78 -23.06 13.22 -4.40
CA GLY F 78 -23.88 14.33 -3.95
C GLY F 78 -23.02 15.56 -3.77
N GLY F 79 -21.81 15.36 -3.28
CA GLY F 79 -20.89 16.47 -3.09
C GLY F 79 -20.60 17.18 -4.39
N PHE F 80 -20.36 16.42 -5.45
CA PHE F 80 -20.08 17.00 -6.77
C PHE F 80 -21.28 17.80 -7.25
N LEU F 81 -22.48 17.28 -7.00
CA LEU F 81 -23.68 17.96 -7.41
C LEU F 81 -23.78 19.29 -6.64
N ALA F 82 -23.39 19.27 -5.37
CA ALA F 82 -23.43 20.46 -4.52
C ALA F 82 -22.41 21.52 -4.99
N PHE F 83 -21.18 21.10 -5.25
CA PHE F 83 -20.13 22.01 -5.71
C PHE F 83 -20.58 22.74 -6.96
N THR F 84 -20.90 21.98 -8.01
CA THR F 84 -21.32 22.56 -9.27
C THR F 84 -22.60 23.37 -9.20
N SER F 85 -23.54 22.94 -8.38
CA SER F 85 -24.80 23.67 -8.25
C SER F 85 -24.51 25.02 -7.60
N LEU F 86 -23.51 25.04 -6.73
CA LEU F 86 -23.15 26.25 -6.01
C LEU F 86 -22.32 27.23 -6.84
N TRP F 87 -21.20 26.76 -7.39
CA TRP F 87 -20.34 27.63 -8.16
C TRP F 87 -20.06 27.18 -9.58
N GLY F 88 -20.78 26.19 -10.07
CA GLY F 88 -20.53 25.70 -11.41
C GLY F 88 -19.19 24.97 -11.40
N PHE F 89 -18.67 24.65 -12.58
CA PHE F 89 -17.40 23.94 -12.67
C PHE F 89 -16.29 24.96 -12.49
N ASP F 90 -15.90 25.18 -11.23
CA ASP F 90 -14.86 26.14 -10.90
C ASP F 90 -13.78 25.47 -10.06
N PRO F 91 -12.71 24.98 -10.71
CA PRO F 91 -11.61 24.32 -10.01
C PRO F 91 -10.91 25.22 -9.00
N GLU F 92 -10.85 26.52 -9.30
CA GLU F 92 -10.16 27.46 -8.44
C GLU F 92 -10.76 27.56 -7.03
N ILE F 93 -12.05 27.81 -6.95
CA ILE F 93 -12.66 27.91 -5.63
C ILE F 93 -12.77 26.52 -4.97
N ALA F 94 -12.92 25.48 -5.79
CA ALA F 94 -13.03 24.13 -5.27
C ALA F 94 -11.78 23.67 -4.51
N LYS F 95 -10.60 24.08 -4.99
CA LYS F 95 -9.35 23.67 -4.34
C LYS F 95 -9.16 24.19 -2.93
N THR F 96 -10.13 24.98 -2.44
CA THR F 96 -10.05 25.54 -1.09
C THR F 96 -11.01 24.90 -0.11
N LYS F 97 -11.96 24.12 -0.63
CA LYS F 97 -12.95 23.49 0.22
C LYS F 97 -12.70 22.00 0.45
N ILE F 98 -13.39 21.46 1.45
CA ILE F 98 -13.37 20.05 1.77
C ILE F 98 -14.83 19.76 2.07
N VAL F 99 -15.15 18.51 2.38
CA VAL F 99 -16.52 18.15 2.68
C VAL F 99 -16.62 17.29 3.93
N TYR F 100 -17.58 17.62 4.78
CA TYR F 100 -17.81 16.87 6.02
C TYR F 100 -19.16 16.19 5.96
N PHE F 101 -19.20 14.95 6.45
CA PHE F 101 -20.45 14.21 6.52
C PHE F 101 -21.14 14.78 7.75
N MET F 102 -22.45 15.02 7.66
CA MET F 102 -23.20 15.54 8.81
C MET F 102 -24.16 14.47 9.36
N THR F 103 -24.98 13.90 8.48
CA THR F 103 -25.91 12.84 8.87
C THR F 103 -26.07 11.80 7.77
N ILE F 104 -26.50 10.61 8.17
CA ILE F 104 -26.74 9.50 7.26
C ILE F 104 -28.01 8.86 7.79
N ASP F 105 -28.99 8.61 6.93
CA ASP F 105 -30.21 8.00 7.41
C ASP F 105 -30.91 7.15 6.37
N LYS F 106 -31.75 6.24 6.87
CA LYS F 106 -32.52 5.34 6.02
C LYS F 106 -31.72 4.60 4.97
N VAL F 107 -30.58 4.03 5.36
CA VAL F 107 -29.81 3.28 4.40
C VAL F 107 -30.11 1.79 4.55
N LYS F 108 -30.27 1.12 3.41
CA LYS F 108 -30.57 -0.31 3.40
C LYS F 108 -29.73 -0.93 2.30
N PHE F 109 -29.14 -2.08 2.58
CA PHE F 109 -28.33 -2.77 1.58
C PHE F 109 -29.11 -4.03 1.20
N ARG F 110 -29.31 -4.23 -0.09
CA ARG F 110 -30.08 -5.37 -0.57
C ARG F 110 -29.24 -6.41 -1.30
N ILE F 111 -28.26 -5.95 -2.07
CA ILE F 111 -27.41 -6.87 -2.82
C ILE F 111 -25.95 -6.51 -2.66
N PRO F 112 -25.10 -7.51 -2.35
CA PRO F 112 -23.66 -7.27 -2.18
C PRO F 112 -23.01 -6.85 -3.51
N VAL F 113 -22.13 -5.87 -3.43
CA VAL F 113 -21.42 -5.37 -4.60
C VAL F 113 -20.07 -6.04 -4.61
N THR F 114 -19.65 -6.54 -5.77
CA THR F 114 -18.39 -7.27 -5.87
C THR F 114 -17.56 -6.88 -7.10
N PRO F 115 -16.32 -7.38 -7.20
CA PRO F 115 -15.45 -7.06 -8.34
C PRO F 115 -16.14 -7.43 -9.66
N GLY F 116 -16.07 -6.52 -10.63
CA GLY F 116 -16.71 -6.76 -11.91
C GLY F 116 -17.99 -5.96 -12.03
N ASP F 117 -18.45 -5.43 -10.90
CA ASP F 117 -19.66 -4.62 -10.87
C ASP F 117 -19.40 -3.17 -11.23
N ARG F 118 -20.44 -2.54 -11.77
CA ARG F 118 -20.41 -1.13 -12.13
C ARG F 118 -21.36 -0.50 -11.13
N LEU F 119 -20.79 0.14 -10.10
CA LEU F 119 -21.59 0.77 -9.06
C LEU F 119 -22.07 2.16 -9.48
N GLU F 120 -23.34 2.24 -9.85
CA GLU F 120 -23.94 3.48 -10.31
C GLU F 120 -24.68 4.24 -9.20
N TYR F 121 -24.32 5.51 -9.02
CA TYR F 121 -24.94 6.35 -8.00
C TYR F 121 -26.06 7.22 -8.58
N HIS F 122 -27.22 7.18 -7.95
CA HIS F 122 -28.38 7.97 -8.37
C HIS F 122 -28.79 8.81 -7.18
N LEU F 123 -28.44 10.10 -7.21
CA LEU F 123 -28.75 11.01 -6.12
C LEU F 123 -29.53 12.24 -6.55
N GLU F 124 -30.51 12.63 -5.74
CA GLU F 124 -31.30 13.82 -6.03
C GLU F 124 -31.27 14.73 -4.79
N VAL F 125 -31.53 16.02 -4.99
CA VAL F 125 -31.53 16.98 -3.89
C VAL F 125 -32.85 16.93 -3.14
N LEU F 126 -32.78 16.76 -1.82
CA LEU F 126 -33.98 16.71 -1.01
C LEU F 126 -34.20 18.10 -0.42
N LYS F 127 -33.10 18.76 -0.07
CA LYS F 127 -33.15 20.09 0.51
C LYS F 127 -31.72 20.62 0.58
N HIS F 128 -31.56 21.94 0.52
CA HIS F 128 -30.23 22.51 0.59
C HIS F 128 -30.26 23.99 0.96
N LYS F 129 -29.22 24.41 1.66
CA LYS F 129 -29.10 25.80 2.09
C LYS F 129 -27.65 26.14 2.37
N GLY F 130 -27.13 27.14 1.66
CA GLY F 130 -25.75 27.52 1.87
C GLY F 130 -24.82 26.39 1.50
N MET F 131 -24.01 25.95 2.47
CA MET F 131 -23.07 24.86 2.25
C MET F 131 -23.65 23.51 2.69
N ILE F 132 -24.80 23.55 3.34
CA ILE F 132 -25.45 22.33 3.83
C ILE F 132 -26.41 21.73 2.81
N TRP F 133 -26.06 20.55 2.31
CA TRP F 133 -26.87 19.85 1.32
C TRP F 133 -27.37 18.50 1.79
N GLN F 134 -28.64 18.21 1.54
CA GLN F 134 -29.22 16.94 1.91
C GLN F 134 -29.73 16.23 0.66
N VAL F 135 -29.13 15.08 0.35
CA VAL F 135 -29.52 14.32 -0.83
C VAL F 135 -29.94 12.91 -0.47
N GLY F 136 -30.59 12.25 -1.42
CA GLY F 136 -31.04 10.89 -1.19
C GLY F 136 -31.20 10.18 -2.52
N GLY F 137 -31.12 8.87 -2.50
CA GLY F 137 -31.24 8.10 -3.72
C GLY F 137 -30.85 6.67 -3.53
N THR F 138 -30.28 6.08 -4.57
CA THR F 138 -29.88 4.68 -4.53
C THR F 138 -28.55 4.43 -5.23
N ALA F 139 -28.09 3.20 -5.11
CA ALA F 139 -26.88 2.74 -5.76
C ALA F 139 -27.41 1.56 -6.55
N GLN F 140 -26.99 1.44 -7.81
CA GLN F 140 -27.50 0.37 -8.66
C GLN F 140 -26.42 -0.36 -9.44
N VAL F 141 -26.65 -1.64 -9.66
CA VAL F 141 -25.75 -2.47 -10.43
C VAL F 141 -26.61 -3.16 -11.47
N ASP F 142 -26.34 -2.87 -12.74
CA ASP F 142 -27.08 -3.44 -13.86
C ASP F 142 -28.59 -3.25 -13.71
N GLY F 143 -29.00 -2.01 -13.43
CA GLY F 143 -30.42 -1.72 -13.31
C GLY F 143 -31.13 -2.07 -12.02
N LYS F 144 -30.50 -2.86 -11.15
CA LYS F 144 -31.12 -3.25 -9.88
C LYS F 144 -30.57 -2.43 -8.71
N VAL F 145 -31.45 -2.08 -7.77
CA VAL F 145 -31.06 -1.31 -6.60
C VAL F 145 -30.28 -2.20 -5.65
N VAL F 146 -29.05 -1.82 -5.32
CA VAL F 146 -28.27 -2.62 -4.39
C VAL F 146 -28.24 -1.94 -3.03
N ALA F 147 -28.61 -0.66 -3.00
CA ALA F 147 -28.61 0.09 -1.76
C ALA F 147 -29.41 1.38 -1.86
N GLU F 148 -29.91 1.85 -0.73
CA GLU F 148 -30.67 3.09 -0.65
C GLU F 148 -30.06 3.91 0.48
N ALA F 149 -30.17 5.23 0.39
CA ALA F 149 -29.63 6.07 1.45
C ALA F 149 -30.01 7.52 1.31
N GLU F 150 -29.89 8.23 2.42
CA GLU F 150 -30.16 9.65 2.47
C GLU F 150 -29.00 10.19 3.28
N LEU F 151 -28.53 11.38 2.95
CA LEU F 151 -27.41 11.93 3.68
C LEU F 151 -27.35 13.44 3.54
N LYS F 152 -26.72 14.07 4.52
CA LYS F 152 -26.57 15.51 4.53
C LYS F 152 -25.10 15.80 4.77
N ALA F 153 -24.52 16.64 3.93
CA ALA F 153 -23.11 16.97 4.07
C ALA F 153 -22.89 18.47 4.04
N MET F 154 -21.74 18.90 4.51
CA MET F 154 -21.42 20.32 4.52
C MET F 154 -20.08 20.60 3.84
N ILE F 155 -20.09 21.62 2.99
CA ILE F 155 -18.88 22.03 2.29
C ILE F 155 -18.25 23.07 3.19
N ALA F 156 -16.95 22.96 3.41
CA ALA F 156 -16.25 23.90 4.28
C ALA F 156 -14.93 24.40 3.70
N GLU F 157 -14.53 25.57 4.17
CA GLU F 157 -13.29 26.22 3.74
C GLU F 157 -12.16 25.58 4.55
N ARG F 158 -11.20 24.94 3.86
CA ARG F 158 -10.09 24.29 4.56
C ARG F 158 -9.05 25.33 4.98
#